data_5GPP
#
_entry.id   5GPP
#
_cell.length_a   51.310
_cell.length_b   121.280
_cell.length_c   176.870
_cell.angle_alpha   90.00
_cell.angle_beta   90.00
_cell.angle_gamma   90.00
#
_symmetry.space_group_name_H-M   'P 21 21 21'
#
loop_
_entity.id
_entity.type
_entity.pdbx_description
1 polymer 'Maltose-binding periplasmic protein,Apoptosis-associated speck-like protein containing a CARD'
2 branched alpha-D-glucopyranose-(1-4)-alpha-D-glucopyranose
3 non-polymer 'SULFATE ION'
4 non-polymer 'ACETATE ION'
5 water water
#
_entity_poly.entity_id   1
_entity_poly.type   'polypeptide(L)'
_entity_poly.pdbx_seq_one_letter_code
;MKIEEGKLVIWINGDKGYNGLAEVGKKFEKDTGIKVTVEHPDKLEEKFPQVAATGDGPDIIFWAHDRFGGYAQSGLLAEI
TPAAAFQDKLYPFTWDAVRYNGKLIAYPIAVEALSLIYNKDLLPNPPKTWEEIPALDKELKAKGKSALMFNLQEPYFTWP
LIAADGGYAFKYAAGKYDIKDVGVDNAGAKAGLTFLVDLIKNKHMNADTDYSIAEAAFNKGETAMTINGPWAWSNIDTSA
VNYGVTVLPTFKGQPSKPFVGVLSAGINAASPNKELAKEFLENYLLTDEGLEAVNKDKPLGAVALKSYEEELAKDPRIAA
TMENAQKGEIMPNIPQMSAFWYAVRTAVINAASGRQTVDAALAAAQTNAARAAAESFKEHLQEAFEDLGADNLRKFKSKL
GDRRQEPRVTKSAIEKLKDEIDLADLMVGVFTSKDAVSVTVEILRAIKCNAVADDLLRNTLEHHHHHH
;
_entity_poly.pdbx_strand_id   A,B
#
loop_
_chem_comp.id
_chem_comp.type
_chem_comp.name
_chem_comp.formula
ACT non-polymer 'ACETATE ION' 'C2 H3 O2 -1'
GLC D-saccharide, alpha linking alpha-D-glucopyranose 'C6 H12 O6'
SO4 non-polymer 'SULFATE ION' 'O4 S -2'
#
# COMPACT_ATOMS: atom_id res chain seq x y z
N LYS A 2 -15.28 -4.55 4.85
CA LYS A 2 -14.85 -5.94 4.92
C LYS A 2 -15.01 -6.53 6.33
N ILE A 3 -15.11 -5.67 7.34
CA ILE A 3 -15.39 -6.11 8.70
C ILE A 3 -16.85 -5.79 9.03
N GLU A 4 -17.60 -6.80 9.45
CA GLU A 4 -19.04 -6.70 9.65
C GLU A 4 -19.39 -6.41 11.11
N GLU A 5 -20.34 -5.48 11.30
CA GLU A 5 -20.81 -5.09 12.62
C GLU A 5 -21.74 -6.15 13.21
N GLY A 6 -21.55 -6.47 14.48
CA GLY A 6 -22.43 -7.36 15.20
C GLY A 6 -21.97 -8.80 15.36
N LYS A 7 -20.68 -9.09 15.17
CA LYS A 7 -20.09 -10.39 15.50
C LYS A 7 -18.58 -10.19 15.70
N LEU A 8 -17.88 -11.28 16.04
CA LEU A 8 -16.44 -11.25 16.33
C LEU A 8 -15.69 -12.32 15.53
N VAL A 9 -14.58 -11.92 14.88
CA VAL A 9 -13.66 -12.82 14.18
C VAL A 9 -12.29 -12.78 14.87
N ILE A 10 -11.69 -13.97 15.10
CA ILE A 10 -10.42 -14.14 15.85
C ILE A 10 -9.42 -15.00 15.06
N TRP A 11 -8.12 -14.60 15.04
CA TRP A 11 -7.01 -15.35 14.43
C TRP A 11 -5.97 -15.81 15.48
N ILE A 12 -5.55 -17.10 15.44
CA ILE A 12 -4.53 -17.67 16.35
C ILE A 12 -3.72 -18.78 15.66
N ASN A 13 -2.49 -19.05 16.14
CA ASN A 13 -1.62 -20.04 15.48
C ASN A 13 -2.13 -21.49 15.66
N GLY A 14 -1.84 -22.32 14.67
CA GLY A 14 -2.31 -23.70 14.65
C GLY A 14 -1.65 -24.71 15.56
N ASP A 15 -0.67 -24.33 16.40
CA ASP A 15 -0.12 -25.25 17.39
C ASP A 15 -0.71 -25.05 18.80
N LYS A 16 -1.65 -24.10 18.97
CA LYS A 16 -2.30 -23.80 20.25
C LYS A 16 -3.71 -24.42 20.32
N GLY A 17 -4.37 -24.26 21.47
CA GLY A 17 -5.67 -24.89 21.73
C GLY A 17 -6.92 -24.20 21.19
N TYR A 18 -7.08 -24.15 19.85
CA TYR A 18 -8.15 -23.36 19.24
C TYR A 18 -9.54 -23.98 19.38
N ASN A 19 -9.66 -25.31 19.56
CA ASN A 19 -10.97 -25.88 19.86
C ASN A 19 -11.43 -25.52 21.28
N GLY A 20 -10.50 -25.46 22.24
CA GLY A 20 -10.84 -24.98 23.57
C GLY A 20 -11.36 -23.54 23.58
N LEU A 21 -10.74 -22.66 22.78
CA LEU A 21 -11.16 -21.25 22.72
C LEU A 21 -12.54 -21.11 22.10
N ALA A 22 -12.91 -22.03 21.20
CA ALA A 22 -14.24 -21.97 20.60
C ALA A 22 -15.34 -22.34 21.59
N GLU A 23 -15.03 -23.14 22.61
CA GLU A 23 -16.00 -23.41 23.67
C GLU A 23 -16.33 -22.15 24.47
N VAL A 24 -15.34 -21.29 24.72
CA VAL A 24 -15.58 -20.03 25.46
C VAL A 24 -16.50 -19.10 24.66
N GLY A 25 -16.43 -19.12 23.33
CA GLY A 25 -17.31 -18.27 22.53
C GLY A 25 -18.74 -18.76 22.45
N LYS A 26 -18.97 -20.07 22.61
CA LYS A 26 -20.33 -20.59 22.70
C LYS A 26 -21.03 -20.10 23.98
N LYS A 27 -20.29 -20.02 25.09
CA LYS A 27 -20.86 -19.51 26.33
C LYS A 27 -21.23 -18.04 26.21
N PHE A 28 -20.38 -17.25 25.55
CA PHE A 28 -20.68 -15.83 25.28
C PHE A 28 -21.94 -15.69 24.43
N GLU A 29 -22.17 -16.63 23.50
CA GLU A 29 -23.35 -16.55 22.65
C GLU A 29 -24.63 -16.83 23.44
N LYS A 30 -24.58 -17.81 24.35
CA LYS A 30 -25.75 -18.22 25.13
C LYS A 30 -26.18 -17.19 26.15
N ASP A 31 -25.33 -16.23 26.51
CA ASP A 31 -25.71 -15.15 27.42
C ASP A 31 -26.10 -13.86 26.71
N THR A 32 -25.70 -13.68 25.44
CA THR A 32 -25.98 -12.44 24.71
C THR A 32 -26.50 -12.64 23.29
N GLY A 33 -26.34 -13.81 22.67
CA GLY A 33 -26.77 -14.00 21.29
C GLY A 33 -25.74 -13.74 20.20
N ILE A 34 -24.57 -13.14 20.54
CA ILE A 34 -23.56 -12.73 19.57
C ILE A 34 -22.62 -13.90 19.24
N LYS A 35 -22.36 -14.10 17.94
CA LYS A 35 -21.63 -15.25 17.43
C LYS A 35 -20.12 -14.97 17.27
N VAL A 36 -19.28 -15.96 17.58
CA VAL A 36 -17.82 -15.87 17.55
C VAL A 36 -17.24 -16.97 16.66
N THR A 37 -16.36 -16.59 15.71
CA THR A 37 -15.69 -17.51 14.79
C THR A 37 -14.17 -17.50 15.01
N VAL A 38 -13.54 -18.68 15.12
CA VAL A 38 -12.09 -18.82 15.32
C VAL A 38 -11.45 -19.43 14.06
N GLU A 39 -10.36 -18.83 13.55
CA GLU A 39 -9.61 -19.33 12.38
C GLU A 39 -8.10 -19.45 12.64
N HIS A 40 -7.41 -20.30 11.85
CA HIS A 40 -5.94 -20.47 11.94
C HIS A 40 -5.21 -20.49 10.59
N PRO A 41 -5.06 -19.34 9.95
CA PRO A 41 -4.38 -19.26 8.64
C PRO A 41 -2.87 -19.50 8.73
N ASP A 42 -2.26 -19.81 7.57
CA ASP A 42 -0.81 -20.02 7.52
C ASP A 42 -0.05 -18.69 7.39
N LYS A 43 1.12 -18.63 8.03
CA LYS A 43 2.00 -17.44 8.06
C LYS A 43 1.28 -16.17 8.54
N LEU A 44 0.47 -16.29 9.60
CA LEU A 44 -0.41 -15.18 9.97
C LEU A 44 0.36 -13.96 10.51
N GLU A 45 1.60 -14.11 11.01
CA GLU A 45 2.34 -12.94 11.52
C GLU A 45 2.83 -12.02 10.39
N GLU A 46 2.82 -12.47 9.14
CA GLU A 46 3.12 -11.64 7.98
C GLU A 46 1.87 -11.22 7.18
N LYS A 47 0.78 -12.00 7.22
CA LYS A 47 -0.46 -11.60 6.56
C LYS A 47 -1.16 -10.44 7.29
N PHE A 48 -1.13 -10.40 8.63
CA PHE A 48 -1.83 -9.34 9.35
C PHE A 48 -1.36 -7.94 8.95
N PRO A 49 -0.06 -7.62 8.93
CA PRO A 49 0.32 -6.25 8.50
C PRO A 49 0.04 -5.94 7.02
N GLN A 50 -0.19 -6.94 6.16
CA GLN A 50 -0.49 -6.63 4.76
C GLN A 50 -1.95 -6.24 4.56
N VAL A 51 -2.89 -6.90 5.22
CA VAL A 51 -4.31 -6.59 5.02
C VAL A 51 -4.81 -5.44 5.92
N ALA A 52 -4.25 -5.27 7.12
CA ALA A 52 -4.77 -4.25 8.05
C ALA A 52 -4.37 -2.82 7.68
N ALA A 53 -3.34 -2.63 6.85
CA ALA A 53 -2.94 -1.29 6.43
C ALA A 53 -4.04 -0.53 5.69
N THR A 54 -4.95 -1.24 4.99
CA THR A 54 -6.07 -0.58 4.33
C THR A 54 -7.41 -0.80 5.04
N GLY A 55 -7.42 -1.38 6.24
CA GLY A 55 -8.64 -1.48 7.03
C GLY A 55 -9.40 -2.81 7.02
N ASP A 56 -8.84 -3.88 6.46
CA ASP A 56 -9.44 -5.21 6.54
C ASP A 56 -8.81 -6.02 7.70
N GLY A 57 -9.22 -7.29 7.81
CA GLY A 57 -8.63 -8.23 8.76
C GLY A 57 -9.59 -8.72 9.85
N PRO A 58 -9.04 -9.40 10.88
CA PRO A 58 -9.86 -9.85 12.02
C PRO A 58 -10.14 -8.72 13.02
N ASP A 59 -11.06 -9.00 13.95
CA ASP A 59 -11.31 -8.11 15.09
C ASP A 59 -10.21 -8.21 16.17
N ILE A 60 -9.64 -9.42 16.39
CA ILE A 60 -8.68 -9.70 17.49
C ILE A 60 -7.56 -10.64 16.98
N ILE A 61 -6.28 -10.35 17.32
CA ILE A 61 -5.15 -11.17 16.88
C ILE A 61 -4.26 -11.59 18.05
N PHE A 62 -3.85 -12.89 18.08
CA PHE A 62 -3.00 -13.52 19.12
C PHE A 62 -1.59 -13.88 18.60
N TRP A 63 -0.51 -13.42 19.29
CA TRP A 63 0.89 -13.81 19.04
C TRP A 63 1.76 -13.41 20.25
N ALA A 64 3.02 -13.86 20.26
CA ALA A 64 4.00 -13.45 21.29
C ALA A 64 4.30 -11.94 21.17
N HIS A 65 4.78 -11.34 22.30
CA HIS A 65 4.88 -9.87 22.42
C HIS A 65 5.97 -9.22 21.54
N ASP A 66 6.91 -9.99 20.96
CA ASP A 66 8.03 -9.34 20.24
C ASP A 66 7.61 -8.67 18.93
N ARG A 67 6.49 -9.07 18.30
CA ARG A 67 6.03 -8.45 17.05
C ARG A 67 5.19 -7.17 17.22
N PHE A 68 4.74 -6.81 18.44
CA PHE A 68 3.70 -5.76 18.57
C PHE A 68 4.20 -4.32 18.45
N GLY A 69 5.46 -4.03 18.80
CA GLY A 69 5.97 -2.67 18.62
C GLY A 69 5.93 -2.18 17.18
N GLY A 70 6.21 -3.07 16.22
CA GLY A 70 6.16 -2.69 14.81
C GLY A 70 4.74 -2.43 14.31
N TYR A 71 3.77 -3.26 14.75
CA TYR A 71 2.37 -2.99 14.42
C TYR A 71 1.91 -1.61 14.93
N ALA A 72 2.29 -1.25 16.17
CA ALA A 72 1.92 0.06 16.73
C ALA A 72 2.53 1.23 15.95
N GLN A 73 3.80 1.12 15.56
CA GLN A 73 4.42 2.20 14.78
C GLN A 73 3.70 2.48 13.44
N SER A 74 3.09 1.45 12.83
CA SER A 74 2.31 1.57 11.59
C SER A 74 0.84 2.00 11.81
N GLY A 75 0.40 2.17 13.06
CA GLY A 75 -0.95 2.66 13.31
C GLY A 75 -2.06 1.64 13.17
N LEU A 76 -1.79 0.36 13.46
CA LEU A 76 -2.74 -0.75 13.24
C LEU A 76 -3.52 -1.17 14.49
N LEU A 77 -3.22 -0.64 15.69
CA LEU A 77 -3.77 -1.14 16.94
C LEU A 77 -4.46 -0.04 17.75
N ALA A 78 -5.44 -0.44 18.57
CA ALA A 78 -6.13 0.46 19.51
C ALA A 78 -5.48 0.42 20.90
N GLU A 79 -5.51 1.57 21.60
CA GLU A 79 -4.93 1.69 22.94
C GLU A 79 -5.79 0.97 24.00
N ILE A 80 -5.13 0.34 24.98
CA ILE A 80 -5.76 -0.47 26.02
C ILE A 80 -5.78 0.32 27.33
N THR A 81 -6.96 0.39 27.99
CA THR A 81 -7.16 1.30 29.15
C THR A 81 -8.07 0.72 30.25
N PRO A 82 -7.59 -0.25 31.04
CA PRO A 82 -8.43 -0.85 32.07
C PRO A 82 -8.41 -0.12 33.40
N ALA A 83 -9.45 -0.37 34.21
CA ALA A 83 -9.55 0.21 35.55
C ALA A 83 -8.52 -0.41 36.49
N ALA A 84 -8.13 0.37 37.51
CA ALA A 84 -7.10 -0.09 38.45
C ALA A 84 -7.49 -1.37 39.19
N ALA A 85 -8.80 -1.63 39.33
CA ALA A 85 -9.27 -2.85 39.99
C ALA A 85 -9.02 -4.10 39.14
N PHE A 86 -9.14 -4.01 37.80
CA PHE A 86 -8.81 -5.13 36.95
C PHE A 86 -7.30 -5.33 36.82
N GLN A 87 -6.55 -4.23 36.69
CA GLN A 87 -5.10 -4.31 36.49
C GLN A 87 -4.39 -5.05 37.63
N ASP A 88 -4.90 -4.96 38.87
CA ASP A 88 -4.32 -5.63 40.03
C ASP A 88 -4.50 -7.16 40.04
N LYS A 89 -5.27 -7.74 39.10
CA LYS A 89 -5.46 -9.18 39.05
C LYS A 89 -4.35 -9.95 38.33
N LEU A 90 -3.44 -9.27 37.61
CA LEU A 90 -2.36 -9.89 36.85
C LEU A 90 -1.00 -9.40 37.35
N TYR A 91 0.04 -10.25 37.21
CA TYR A 91 1.38 -9.89 37.72
C TYR A 91 1.94 -8.63 37.06
N PRO A 92 2.57 -7.73 37.82
CA PRO A 92 3.15 -6.50 37.22
C PRO A 92 4.23 -6.74 36.18
N PHE A 93 5.01 -7.83 36.26
CA PHE A 93 6.02 -8.03 35.21
C PHE A 93 5.41 -8.42 33.86
N THR A 94 4.16 -8.92 33.81
CA THR A 94 3.57 -9.22 32.51
C THR A 94 3.03 -7.96 31.81
N TRP A 95 2.58 -6.93 32.56
CA TRP A 95 2.20 -5.64 31.92
C TRP A 95 3.42 -4.90 31.35
N ASP A 96 4.58 -4.99 32.02
CA ASP A 96 5.79 -4.34 31.47
C ASP A 96 6.13 -4.82 30.05
N ALA A 97 5.88 -6.10 29.72
CA ALA A 97 6.22 -6.61 28.38
C ALA A 97 5.34 -6.03 27.25
N VAL A 98 4.14 -5.51 27.54
CA VAL A 98 3.27 -4.95 26.50
C VAL A 98 3.14 -3.42 26.63
N ARG A 99 4.17 -2.75 27.15
CA ARG A 99 4.20 -1.28 27.25
C ARG A 99 5.23 -0.70 26.26
N TYR A 100 4.78 0.23 25.40
CA TYR A 100 5.59 0.81 24.31
C TYR A 100 5.45 2.32 24.27
N ASN A 101 6.56 3.06 24.43
CA ASN A 101 6.56 4.52 24.42
C ASN A 101 5.54 5.09 25.42
N GLY A 102 5.35 4.43 26.56
CA GLY A 102 4.53 4.95 27.63
C GLY A 102 3.08 4.48 27.69
N LYS A 103 2.57 3.75 26.68
CA LYS A 103 1.18 3.30 26.64
C LYS A 103 1.07 1.78 26.52
N LEU A 104 -0.06 1.22 26.99
CA LEU A 104 -0.33 -0.23 26.89
C LEU A 104 -1.00 -0.54 25.53
N ILE A 105 -0.51 -1.58 24.82
CA ILE A 105 -0.97 -1.84 23.46
C ILE A 105 -1.57 -3.25 23.28
N ALA A 106 -1.75 -4.03 24.35
CA ALA A 106 -2.37 -5.37 24.30
C ALA A 106 -2.65 -5.88 25.72
N TYR A 107 -3.41 -7.07 25.82
CA TYR A 107 -3.72 -7.84 27.05
C TYR A 107 -2.79 -9.06 27.18
N PRO A 108 -2.08 -9.27 28.30
CA PRO A 108 -1.20 -10.45 28.45
C PRO A 108 -1.91 -11.69 28.99
N ILE A 109 -1.47 -12.88 28.52
CA ILE A 109 -2.18 -14.14 28.74
C ILE A 109 -1.34 -15.20 29.49
N ALA A 110 -0.11 -15.49 29.01
CA ALA A 110 0.69 -16.58 29.59
C ALA A 110 2.19 -16.47 29.21
N VAL A 111 3.06 -17.10 30.04
CA VAL A 111 4.52 -17.07 29.89
C VAL A 111 5.05 -18.41 29.37
N GLU A 112 5.88 -18.39 28.29
CA GLU A 112 6.40 -19.58 27.58
C GLU A 112 7.93 -19.64 27.56
N ALA A 113 8.51 -20.84 27.81
CA ALA A 113 9.95 -21.10 27.65
C ALA A 113 10.21 -22.58 27.31
N LEU A 114 11.28 -22.84 26.52
CA LEU A 114 11.68 -24.20 26.11
C LEU A 114 12.40 -25.01 27.21
N SER A 115 12.21 -26.36 27.20
CA SER A 115 12.85 -27.32 28.13
C SER A 115 13.32 -28.60 27.41
N LEU A 116 14.00 -29.52 28.15
CA LEU A 116 14.43 -30.82 27.63
C LEU A 116 13.47 -31.93 28.08
N ILE A 117 12.99 -32.72 27.11
CA ILE A 117 12.03 -33.82 27.33
C ILE A 117 12.74 -35.16 27.02
N TYR A 118 12.59 -36.18 27.92
CA TYR A 118 13.30 -37.46 27.79
C TYR A 118 12.43 -38.70 28.15
N ASN A 119 12.83 -39.87 27.61
CA ASN A 119 12.13 -41.16 27.72
C ASN A 119 12.69 -41.96 28.92
N LYS A 120 11.86 -42.16 29.96
CA LYS A 120 12.37 -42.76 31.20
C LYS A 120 12.79 -44.22 31.02
N ASP A 121 12.13 -44.98 30.14
CA ASP A 121 12.48 -46.38 29.97
C ASP A 121 13.79 -46.56 29.21
N LEU A 122 14.15 -45.63 28.33
CA LEU A 122 15.40 -45.73 27.56
C LEU A 122 16.59 -45.07 28.25
N LEU A 123 16.36 -44.22 29.24
CA LEU A 123 17.42 -43.34 29.75
C LEU A 123 17.03 -42.79 31.11
N PRO A 124 17.11 -43.58 32.18
CA PRO A 124 16.60 -43.13 33.49
C PRO A 124 17.41 -42.01 34.15
N ASN A 125 18.62 -41.70 33.67
CA ASN A 125 19.43 -40.61 34.22
C ASN A 125 19.95 -39.72 33.09
N PRO A 126 19.29 -38.60 32.80
CA PRO A 126 19.65 -37.78 31.62
C PRO A 126 20.94 -37.00 31.83
N PRO A 127 21.58 -36.55 30.75
CA PRO A 127 22.90 -35.92 30.88
C PRO A 127 22.82 -34.45 31.26
N LYS A 128 23.87 -33.99 31.94
CA LYS A 128 23.93 -32.62 32.45
C LYS A 128 24.74 -31.67 31.56
N THR A 129 25.48 -32.16 30.57
CA THR A 129 26.30 -31.31 29.69
C THR A 129 26.06 -31.66 28.22
N TRP A 130 26.31 -30.68 27.32
CA TRP A 130 26.29 -30.94 25.88
C TRP A 130 27.46 -31.85 25.45
N GLU A 131 28.61 -31.72 26.10
CA GLU A 131 29.82 -32.46 25.72
C GLU A 131 29.66 -33.99 25.80
N GLU A 132 28.68 -34.50 26.56
CA GLU A 132 28.44 -35.94 26.73
C GLU A 132 27.64 -36.60 25.61
N ILE A 133 27.02 -35.84 24.71
CA ILE A 133 26.03 -36.42 23.79
C ILE A 133 26.66 -37.30 22.70
N PRO A 134 27.83 -36.99 22.13
CA PRO A 134 28.40 -37.87 21.09
C PRO A 134 28.66 -39.31 21.54
N ALA A 135 29.22 -39.52 22.73
CA ALA A 135 29.46 -40.90 23.17
C ALA A 135 28.15 -41.62 23.46
N LEU A 136 27.10 -40.91 23.85
CA LEU A 136 25.84 -41.58 24.17
C LEU A 136 25.10 -42.01 22.90
N ASP A 137 25.27 -41.29 21.79
CA ASP A 137 24.67 -41.71 20.52
C ASP A 137 25.21 -43.07 20.10
N LYS A 138 26.47 -43.39 20.44
CA LYS A 138 27.07 -44.66 19.99
C LYS A 138 26.48 -45.85 20.74
N GLU A 139 26.28 -45.72 22.05
CA GLU A 139 25.66 -46.79 22.82
C GLU A 139 24.26 -47.12 22.31
N LEU A 140 23.51 -46.11 21.86
CA LEU A 140 22.11 -46.34 21.49
C LEU A 140 21.93 -46.93 20.08
N LYS A 141 22.88 -46.67 19.16
CA LYS A 141 22.83 -47.28 17.83
C LYS A 141 22.91 -48.80 17.92
N ALA A 142 23.72 -49.34 18.82
CA ALA A 142 23.82 -50.79 18.97
C ALA A 142 22.46 -51.44 19.29
N LYS A 143 21.48 -50.65 19.72
CA LYS A 143 20.12 -51.14 19.90
C LYS A 143 19.19 -50.71 18.77
N GLY A 144 19.74 -50.12 17.71
CA GLY A 144 18.96 -49.49 16.66
C GLY A 144 18.16 -48.27 17.07
N LYS A 145 18.79 -47.27 17.71
CA LYS A 145 18.13 -46.02 18.12
C LYS A 145 19.08 -44.84 17.85
N SER A 146 18.72 -43.67 18.40
CA SER A 146 19.56 -42.47 18.36
C SER A 146 19.27 -41.62 19.61
N ALA A 147 20.14 -40.62 19.85
CA ALA A 147 20.12 -39.87 21.11
C ALA A 147 19.20 -38.64 21.12
N LEU A 148 19.17 -37.81 20.06
CA LEU A 148 18.49 -36.50 20.08
C LEU A 148 18.06 -36.04 18.68
N MET A 149 16.85 -35.48 18.56
CA MET A 149 16.32 -34.88 17.31
C MET A 149 15.41 -33.68 17.62
N PHE A 150 15.63 -32.52 16.95
CA PHE A 150 14.76 -31.33 17.08
C PHE A 150 14.76 -30.47 15.79
N ASN A 151 13.87 -29.46 15.75
CA ASN A 151 13.65 -28.60 14.57
C ASN A 151 14.86 -27.72 14.26
N LEU A 152 15.49 -27.93 13.10
CA LEU A 152 16.65 -27.14 12.70
C LEU A 152 16.32 -26.00 11.72
N GLN A 153 15.07 -25.86 11.26
CA GLN A 153 14.76 -24.82 10.27
C GLN A 153 14.35 -23.46 10.87
N GLU A 154 13.99 -23.35 12.16
CA GLU A 154 13.62 -22.05 12.77
C GLU A 154 14.62 -21.67 13.86
N PRO A 155 15.17 -20.45 13.84
CA PRO A 155 16.27 -20.11 14.77
C PRO A 155 15.85 -19.95 16.25
N TYR A 156 14.55 -19.92 16.58
CA TYR A 156 14.09 -19.95 17.98
C TYR A 156 14.63 -21.17 18.74
N PHE A 157 14.74 -22.33 18.08
CA PHE A 157 15.18 -23.57 18.73
C PHE A 157 16.71 -23.72 18.88
N THR A 158 17.54 -23.08 18.03
CA THR A 158 19.00 -23.16 18.17
C THR A 158 19.64 -22.00 18.95
N TRP A 159 18.90 -20.90 19.21
CA TRP A 159 19.50 -19.75 19.91
C TRP A 159 19.98 -20.04 21.35
N PRO A 160 19.37 -20.91 22.16
CA PRO A 160 19.88 -21.14 23.53
C PRO A 160 21.35 -21.57 23.62
N LEU A 161 21.87 -22.29 22.62
CA LEU A 161 23.28 -22.71 22.62
C LEU A 161 24.21 -21.64 22.05
N ILE A 162 23.77 -20.87 21.04
CA ILE A 162 24.57 -19.75 20.54
C ILE A 162 24.85 -18.69 21.62
N ALA A 163 23.91 -18.49 22.55
CA ALA A 163 24.02 -17.45 23.57
C ALA A 163 24.71 -17.89 24.87
N ALA A 164 24.99 -19.18 25.05
CA ALA A 164 25.46 -19.67 26.34
C ALA A 164 26.81 -19.07 26.73
N ASP A 165 27.78 -19.06 25.82
CA ASP A 165 29.13 -18.59 26.13
C ASP A 165 29.37 -17.14 25.70
N GLY A 166 28.29 -16.37 25.43
CA GLY A 166 28.46 -14.93 25.17
C GLY A 166 27.70 -14.15 24.09
N GLY A 167 26.92 -14.78 23.20
CA GLY A 167 26.23 -14.01 22.13
C GLY A 167 24.98 -13.26 22.58
N TYR A 168 24.65 -12.16 21.88
CA TYR A 168 23.47 -11.34 22.21
C TYR A 168 22.90 -10.62 20.97
N ALA A 169 21.69 -10.03 21.13
CA ALA A 169 21.02 -9.32 20.04
C ALA A 169 21.40 -7.84 19.95
N PHE A 170 20.74 -6.96 20.72
CA PHE A 170 21.13 -5.54 20.85
C PHE A 170 21.50 -5.23 22.30
N LYS A 171 22.50 -4.36 22.51
CA LYS A 171 23.05 -4.09 23.84
C LYS A 171 22.18 -3.09 24.63
N TYR A 172 21.88 -3.41 25.90
CA TYR A 172 21.07 -2.54 26.74
C TYR A 172 21.98 -1.71 27.65
N ALA A 173 21.81 -0.39 27.61
CA ALA A 173 22.70 0.51 28.36
C ALA A 173 22.00 1.81 28.71
N ALA A 174 21.91 2.11 30.01
CA ALA A 174 21.46 3.41 30.53
C ALA A 174 20.01 3.71 30.16
N GLY A 175 19.17 2.69 30.17
CA GLY A 175 17.75 2.86 29.94
C GLY A 175 17.25 2.66 28.52
N LYS A 176 18.07 2.16 27.59
CA LYS A 176 17.60 1.97 26.23
C LYS A 176 18.50 0.99 25.46
N TYR A 177 17.89 0.31 24.48
CA TYR A 177 18.62 -0.55 23.56
C TYR A 177 19.31 0.27 22.47
N ASP A 178 20.58 -0.07 22.17
CA ASP A 178 21.39 0.64 21.18
C ASP A 178 21.42 -0.14 19.86
N ILE A 179 20.71 0.35 18.85
CA ILE A 179 20.44 -0.44 17.65
C ILE A 179 21.64 -0.58 16.71
N LYS A 180 22.78 0.04 17.02
CA LYS A 180 23.96 -0.12 16.18
C LYS A 180 25.08 -0.92 16.86
N ASP A 181 24.78 -1.62 17.95
CA ASP A 181 25.71 -2.53 18.64
C ASP A 181 25.09 -3.93 18.68
N VAL A 182 25.37 -4.74 17.63
CA VAL A 182 24.83 -6.08 17.41
C VAL A 182 25.85 -7.15 17.82
N GLY A 183 25.38 -8.21 18.50
CA GLY A 183 26.29 -9.20 19.07
C GLY A 183 26.30 -10.63 18.53
N VAL A 184 26.05 -10.81 17.23
CA VAL A 184 25.98 -12.16 16.65
C VAL A 184 27.32 -12.68 16.13
N ASP A 185 28.40 -11.90 16.23
CA ASP A 185 29.68 -12.25 15.60
C ASP A 185 30.86 -12.13 16.58
N ASN A 186 30.67 -12.40 17.87
CA ASN A 186 31.80 -12.37 18.80
C ASN A 186 32.32 -13.79 19.06
N ALA A 187 33.28 -13.89 19.98
CA ALA A 187 33.95 -15.17 20.22
C ALA A 187 32.99 -16.23 20.77
N GLY A 188 32.06 -15.83 21.66
CA GLY A 188 31.11 -16.80 22.20
C GLY A 188 30.13 -17.34 21.18
N ALA A 189 29.67 -16.48 20.26
CA ALA A 189 28.73 -16.94 19.24
C ALA A 189 29.36 -17.93 18.27
N LYS A 190 30.64 -17.75 17.91
CA LYS A 190 31.32 -18.65 16.97
C LYS A 190 31.50 -20.06 17.55
N ALA A 191 31.79 -20.16 18.84
CA ALA A 191 32.04 -21.47 19.44
C ALA A 191 30.78 -22.34 19.47
N GLY A 192 29.63 -21.75 19.81
CA GLY A 192 28.40 -22.55 19.87
C GLY A 192 27.93 -23.07 18.51
N LEU A 193 28.00 -22.23 17.47
CA LEU A 193 27.61 -22.70 16.13
C LEU A 193 28.60 -23.73 15.57
N THR A 194 29.89 -23.63 15.93
CA THR A 194 30.86 -24.65 15.50
C THR A 194 30.54 -26.02 16.11
N PHE A 195 30.09 -26.05 17.38
CA PHE A 195 29.72 -27.32 18.00
C PHE A 195 28.51 -27.97 17.33
N LEU A 196 27.56 -27.16 16.84
CA LEU A 196 26.37 -27.72 16.17
C LEU A 196 26.72 -28.29 14.79
N VAL A 197 27.55 -27.59 14.03
CA VAL A 197 27.91 -28.13 12.71
C VAL A 197 28.74 -29.42 12.83
N ASP A 198 29.53 -29.57 13.90
CA ASP A 198 30.33 -30.79 14.05
C ASP A 198 29.46 -32.01 14.40
N LEU A 199 28.33 -31.81 15.09
CA LEU A 199 27.42 -32.93 15.31
C LEU A 199 26.88 -33.48 13.99
N ILE A 200 26.69 -32.61 12.98
CA ILE A 200 26.19 -33.02 11.67
C ILE A 200 27.31 -33.69 10.85
N LYS A 201 28.54 -33.17 10.95
CA LYS A 201 29.65 -33.76 10.21
C LYS A 201 29.95 -35.19 10.66
N ASN A 202 29.88 -35.44 11.97
CA ASN A 202 30.16 -36.77 12.51
C ASN A 202 28.93 -37.69 12.49
N LYS A 203 27.84 -37.28 11.83
CA LYS A 203 26.65 -38.11 11.57
C LYS A 203 25.84 -38.42 12.82
N HIS A 204 25.80 -37.53 13.80
CA HIS A 204 24.87 -37.67 14.91
C HIS A 204 23.53 -36.95 14.68
N MET A 205 23.43 -36.17 13.59
N MET A 205 23.44 -36.08 13.66
CA MET A 205 22.25 -35.35 13.28
CA MET A 205 22.19 -35.40 13.29
C MET A 205 22.19 -35.14 11.76
C MET A 205 22.17 -35.20 11.79
N ASN A 206 20.96 -34.96 11.25
CA ASN A 206 20.73 -34.73 9.81
C ASN A 206 20.20 -33.32 9.56
N ALA A 207 20.73 -32.66 8.51
CA ALA A 207 20.45 -31.24 8.27
C ALA A 207 19.04 -30.93 7.77
N ASP A 208 18.25 -31.91 7.32
CA ASP A 208 16.92 -31.61 6.82
C ASP A 208 15.80 -31.85 7.84
N THR A 209 16.12 -32.12 9.12
CA THR A 209 15.09 -32.36 10.13
C THR A 209 14.23 -31.11 10.42
N ASP A 210 12.89 -31.28 10.41
CA ASP A 210 11.95 -30.18 10.69
C ASP A 210 10.98 -30.55 11.82
N TYR A 211 9.92 -29.73 12.04
CA TYR A 211 9.09 -29.88 13.24
C TYR A 211 8.35 -31.22 13.27
N SER A 212 7.70 -31.60 12.17
CA SER A 212 6.84 -32.79 12.25
C SER A 212 7.62 -34.10 12.13
N ILE A 213 8.77 -34.11 11.44
CA ILE A 213 9.67 -35.27 11.46
C ILE A 213 10.11 -35.60 12.90
N ALA A 214 10.54 -34.59 13.66
CA ALA A 214 11.04 -34.87 15.02
C ALA A 214 9.91 -35.23 15.99
N GLU A 215 8.71 -34.66 15.84
CA GLU A 215 7.61 -35.00 16.74
C GLU A 215 7.21 -36.48 16.62
N ALA A 216 7.20 -37.02 15.39
CA ALA A 216 6.81 -38.41 15.17
C ALA A 216 7.84 -39.42 15.70
N ALA A 217 9.13 -39.10 15.63
CA ALA A 217 10.15 -40.05 16.09
C ALA A 217 10.13 -40.21 17.61
N PHE A 218 9.92 -39.11 18.37
CA PHE A 218 9.88 -39.24 19.83
C PHE A 218 8.63 -40.00 20.26
N ASN A 219 7.48 -39.69 19.65
CA ASN A 219 6.21 -40.26 20.11
C ASN A 219 6.09 -41.75 19.73
N LYS A 220 6.91 -42.23 18.78
CA LYS A 220 6.93 -43.64 18.38
C LYS A 220 8.02 -44.45 19.09
N GLY A 221 8.84 -43.80 19.92
CA GLY A 221 9.89 -44.48 20.66
C GLY A 221 11.19 -44.70 19.90
N GLU A 222 11.41 -44.02 18.78
CA GLU A 222 12.63 -44.21 18.00
C GLU A 222 13.83 -43.38 18.47
N THR A 223 13.63 -42.37 19.34
CA THR A 223 14.71 -41.47 19.79
C THR A 223 14.54 -41.15 21.28
N ALA A 224 15.67 -40.87 21.95
CA ALA A 224 15.70 -40.74 23.41
C ALA A 224 15.36 -39.33 23.95
N MET A 225 15.60 -38.24 23.19
CA MET A 225 15.41 -36.86 23.68
C MET A 225 14.92 -35.93 22.56
N THR A 226 14.22 -34.83 22.95
CA THR A 226 13.86 -33.71 22.04
C THR A 226 13.84 -32.39 22.83
N ILE A 227 13.57 -31.27 22.15
CA ILE A 227 13.52 -29.92 22.77
C ILE A 227 12.26 -29.18 22.26
N ASN A 228 11.38 -28.75 23.18
CA ASN A 228 10.06 -28.19 22.80
C ASN A 228 9.41 -27.46 23.99
N GLY A 229 8.26 -26.81 23.73
CA GLY A 229 7.51 -26.06 24.74
C GLY A 229 6.27 -26.76 25.30
N PRO A 230 5.56 -26.09 26.23
CA PRO A 230 4.43 -26.77 26.93
C PRO A 230 3.26 -27.22 26.04
N TRP A 231 3.01 -26.57 24.90
CA TRP A 231 1.94 -26.96 23.98
C TRP A 231 2.06 -28.41 23.49
N ALA A 232 3.23 -29.04 23.58
CA ALA A 232 3.42 -30.39 23.04
C ALA A 232 3.10 -31.52 24.03
N TRP A 233 2.86 -31.22 25.31
CA TRP A 233 2.71 -32.28 26.30
C TRP A 233 1.48 -33.16 26.04
N SER A 234 0.46 -32.60 25.41
CA SER A 234 -0.83 -33.29 25.27
C SER A 234 -0.73 -34.52 24.35
N ASN A 235 -0.15 -34.36 23.16
CA ASN A 235 -0.03 -35.49 22.23
C ASN A 235 0.87 -36.61 22.79
N ILE A 236 1.85 -36.27 23.65
CA ILE A 236 2.67 -37.30 24.29
C ILE A 236 1.83 -38.15 25.25
N ASP A 237 0.90 -37.53 25.99
CA ASP A 237 0.03 -38.27 26.90
C ASP A 237 -0.78 -39.34 26.16
N THR A 238 -1.27 -39.02 24.95
CA THR A 238 -2.02 -39.96 24.13
C THR A 238 -1.17 -41.17 23.70
N SER A 239 0.15 -41.00 23.63
CA SER A 239 1.02 -42.07 23.13
C SER A 239 1.30 -43.08 24.25
N ALA A 240 2.18 -44.04 23.98
CA ALA A 240 2.54 -45.08 24.94
C ALA A 240 3.79 -44.76 25.77
N VAL A 241 4.39 -43.56 25.61
CA VAL A 241 5.72 -43.26 26.13
C VAL A 241 5.64 -42.73 27.55
N ASN A 242 6.62 -43.12 28.39
CA ASN A 242 6.77 -42.66 29.78
C ASN A 242 7.90 -41.63 29.85
N TYR A 243 7.58 -40.36 30.17
CA TYR A 243 8.46 -39.20 29.91
C TYR A 243 8.65 -38.29 31.13
N GLY A 244 9.74 -37.50 31.12
CA GLY A 244 9.97 -36.43 32.08
C GLY A 244 10.44 -35.13 31.43
N VAL A 245 10.45 -34.05 32.22
CA VAL A 245 10.78 -32.67 31.75
C VAL A 245 11.76 -32.04 32.74
N THR A 246 12.88 -31.48 32.23
CA THR A 246 13.95 -31.03 33.13
C THR A 246 14.74 -29.86 32.53
N VAL A 247 15.78 -29.40 33.26
CA VAL A 247 16.59 -28.26 32.84
C VAL A 247 17.48 -28.62 31.66
N LEU A 248 17.73 -27.62 30.76
CA LEU A 248 18.61 -27.80 29.61
C LEU A 248 20.07 -28.01 30.05
N PRO A 249 20.90 -28.59 29.18
CA PRO A 249 22.30 -28.87 29.55
C PRO A 249 23.21 -27.65 29.43
N THR A 250 24.34 -27.70 30.15
CA THR A 250 25.37 -26.64 30.14
C THR A 250 26.35 -26.80 28.97
N PHE A 251 27.04 -25.70 28.64
CA PHE A 251 28.07 -25.66 27.60
C PHE A 251 29.28 -24.87 28.09
N LYS A 252 30.47 -25.48 28.03
CA LYS A 252 31.71 -24.90 28.58
C LYS A 252 31.56 -24.46 30.03
N GLY A 253 30.68 -25.13 30.78
CA GLY A 253 30.47 -24.81 32.17
C GLY A 253 29.39 -23.78 32.47
N GLN A 254 28.75 -23.14 31.43
CA GLN A 254 27.71 -22.10 31.55
C GLN A 254 26.32 -22.63 31.17
N PRO A 255 25.26 -22.12 31.79
CA PRO A 255 23.89 -22.52 31.42
C PRO A 255 23.50 -22.07 30.01
N SER A 256 22.62 -22.85 29.36
CA SER A 256 21.94 -22.40 28.13
C SER A 256 20.94 -21.28 28.48
N LYS A 257 20.74 -20.34 27.54
CA LYS A 257 19.94 -19.13 27.76
C LYS A 257 18.87 -18.87 26.69
N PRO A 258 17.67 -19.44 26.84
CA PRO A 258 16.61 -19.19 25.85
C PRO A 258 16.02 -17.79 25.95
N PHE A 259 15.45 -17.32 24.82
CA PHE A 259 14.63 -16.09 24.74
C PHE A 259 13.18 -16.40 25.12
N VAL A 260 12.60 -15.64 26.07
CA VAL A 260 11.27 -15.93 26.67
C VAL A 260 10.19 -15.02 26.07
N GLY A 261 9.02 -15.60 25.72
CA GLY A 261 7.91 -14.83 25.15
C GLY A 261 6.64 -14.85 26.01
N VAL A 262 5.82 -13.80 25.88
CA VAL A 262 4.52 -13.66 26.56
C VAL A 262 3.43 -13.68 25.50
N LEU A 263 2.57 -14.72 25.47
CA LEU A 263 1.42 -14.74 24.54
C LEU A 263 0.42 -13.63 24.87
N SER A 264 -0.02 -12.83 23.86
CA SER A 264 -0.81 -11.59 24.05
C SER A 264 -1.91 -11.39 22.98
N ALA A 265 -2.91 -10.53 23.29
CA ALA A 265 -4.08 -10.28 22.42
C ALA A 265 -4.31 -8.80 22.12
N GLY A 266 -4.24 -8.41 20.84
CA GLY A 266 -4.48 -7.02 20.41
C GLY A 266 -5.78 -6.77 19.65
N ILE A 267 -6.26 -5.51 19.56
CA ILE A 267 -7.56 -5.15 18.94
C ILE A 267 -7.32 -4.24 17.72
N ASN A 268 -7.95 -4.59 16.58
CA ASN A 268 -7.76 -3.88 15.30
C ASN A 268 -8.25 -2.44 15.35
N ALA A 269 -7.39 -1.49 14.96
CA ALA A 269 -7.76 -0.07 15.00
C ALA A 269 -8.97 0.28 14.13
N ALA A 270 -9.29 -0.52 13.10
CA ALA A 270 -10.41 -0.25 12.22
C ALA A 270 -11.69 -1.01 12.59
N SER A 271 -11.74 -1.65 13.79
CA SER A 271 -12.92 -2.47 14.08
C SER A 271 -14.10 -1.59 14.52
N PRO A 272 -15.34 -1.95 14.15
CA PRO A 272 -16.52 -1.28 14.70
C PRO A 272 -17.11 -1.93 15.95
N ASN A 273 -16.47 -2.99 16.45
CA ASN A 273 -16.97 -3.79 17.57
C ASN A 273 -16.06 -3.66 18.81
N LYS A 274 -15.54 -2.45 19.07
CA LYS A 274 -14.48 -2.32 20.06
C LYS A 274 -14.95 -2.65 21.48
N GLU A 275 -16.20 -2.29 21.84
CA GLU A 275 -16.61 -2.53 23.22
C GLU A 275 -17.14 -3.95 23.46
N LEU A 276 -17.65 -4.62 22.42
CA LEU A 276 -17.89 -6.06 22.51
C LEU A 276 -16.59 -6.83 22.72
N ALA A 277 -15.50 -6.38 22.08
CA ALA A 277 -14.20 -7.07 22.20
C ALA A 277 -13.62 -6.96 23.61
N LYS A 278 -13.80 -5.80 24.27
CA LYS A 278 -13.29 -5.64 25.64
C LYS A 278 -14.07 -6.45 26.66
N GLU A 279 -15.37 -6.68 26.42
CA GLU A 279 -16.19 -7.47 27.35
C GLU A 279 -15.86 -8.95 27.30
N PHE A 280 -15.59 -9.48 26.09
CA PHE A 280 -15.23 -10.88 25.94
C PHE A 280 -13.90 -11.20 26.65
N LEU A 281 -12.90 -10.33 26.47
CA LEU A 281 -11.56 -10.58 27.01
C LEU A 281 -11.50 -10.43 28.54
N GLU A 282 -12.11 -9.36 29.10
CA GLU A 282 -12.01 -9.09 30.54
C GLU A 282 -12.95 -9.94 31.40
N ASN A 283 -14.16 -10.27 30.89
CA ASN A 283 -15.20 -10.91 31.69
C ASN A 283 -15.42 -12.40 31.39
N TYR A 284 -14.91 -12.92 30.27
CA TYR A 284 -15.12 -14.33 29.91
C TYR A 284 -13.84 -15.13 29.77
N LEU A 285 -12.81 -14.61 29.06
CA LEU A 285 -11.58 -15.39 28.87
C LEU A 285 -10.65 -15.32 30.09
N LEU A 286 -10.36 -14.13 30.60
CA LEU A 286 -9.44 -13.98 31.73
C LEU A 286 -10.13 -14.23 33.07
N THR A 287 -10.68 -15.45 33.23
CA THR A 287 -11.24 -15.96 34.50
C THR A 287 -10.75 -17.38 34.78
N ASP A 288 -10.97 -17.85 36.02
CA ASP A 288 -10.60 -19.22 36.38
C ASP A 288 -11.20 -20.25 35.42
N GLU A 289 -12.48 -20.10 35.06
CA GLU A 289 -13.13 -21.11 34.24
C GLU A 289 -12.85 -20.96 32.75
N GLY A 290 -12.56 -19.74 32.29
CA GLY A 290 -12.19 -19.55 30.88
C GLY A 290 -10.83 -20.12 30.55
N LEU A 291 -9.82 -19.82 31.38
CA LEU A 291 -8.47 -20.32 31.12
C LEU A 291 -8.38 -21.83 31.31
N GLU A 292 -9.19 -22.41 32.19
CA GLU A 292 -9.23 -23.87 32.34
C GLU A 292 -9.70 -24.58 31.06
N ALA A 293 -10.63 -23.99 30.29
CA ALA A 293 -11.11 -24.67 29.09
C ALA A 293 -10.07 -24.72 27.98
N VAL A 294 -9.28 -23.65 27.83
CA VAL A 294 -8.21 -23.66 26.83
C VAL A 294 -7.10 -24.63 27.26
N ASN A 295 -6.71 -24.60 28.53
CA ASN A 295 -5.60 -25.40 29.03
C ASN A 295 -5.82 -26.90 28.86
N LYS A 296 -7.09 -27.34 28.87
CA LYS A 296 -7.39 -28.77 28.73
C LYS A 296 -7.23 -29.27 27.31
N ASP A 297 -7.37 -28.38 26.33
CA ASP A 297 -7.09 -28.71 24.94
C ASP A 297 -5.58 -28.85 24.70
N LYS A 298 -4.82 -27.76 24.87
CA LYS A 298 -3.34 -27.78 24.84
C LYS A 298 -2.80 -26.86 25.95
N PRO A 299 -1.84 -27.33 26.76
CA PRO A 299 -1.38 -26.53 27.91
C PRO A 299 -0.70 -25.20 27.53
N LEU A 300 -0.91 -24.19 28.39
CA LEU A 300 -0.50 -22.80 28.15
C LEU A 300 0.85 -22.42 28.76
N GLY A 301 1.32 -23.09 29.80
CA GLY A 301 2.49 -22.62 30.54
C GLY A 301 2.12 -22.02 31.91
N ALA A 302 2.81 -20.95 32.35
CA ALA A 302 2.53 -20.28 33.63
C ALA A 302 1.68 -19.03 33.39
N VAL A 303 0.39 -19.09 33.73
CA VAL A 303 -0.57 -18.05 33.29
C VAL A 303 -0.38 -16.73 34.05
N ALA A 304 -0.93 -15.64 33.47
CA ALA A 304 -0.78 -14.28 34.02
C ALA A 304 -1.71 -13.97 35.21
N LEU A 305 -2.82 -14.71 35.37
CA LEU A 305 -3.81 -14.45 36.43
C LEU A 305 -3.39 -15.07 37.77
N LYS A 306 -3.24 -14.25 38.82
CA LYS A 306 -2.62 -14.70 40.08
C LYS A 306 -3.38 -15.86 40.72
N SER A 307 -4.72 -15.81 40.74
CA SER A 307 -5.49 -16.79 41.54
C SER A 307 -5.33 -18.22 41.01
N TYR A 308 -5.17 -18.39 39.69
CA TYR A 308 -5.01 -19.69 39.04
C TYR A 308 -3.56 -20.17 39.00
N GLU A 309 -2.58 -19.27 38.80
CA GLU A 309 -1.17 -19.67 38.73
C GLU A 309 -0.63 -20.25 40.04
N GLU A 310 -1.17 -19.81 41.21
CA GLU A 310 -0.67 -20.35 42.48
C GLU A 310 -0.94 -21.85 42.63
N GLU A 311 -2.01 -22.37 42.01
CA GLU A 311 -2.30 -23.81 42.01
C GLU A 311 -1.45 -24.57 40.98
N LEU A 312 -1.26 -23.99 39.78
CA LEU A 312 -0.48 -24.67 38.75
C LEU A 312 0.99 -24.82 39.13
N ALA A 313 1.50 -23.99 40.05
CA ALA A 313 2.92 -24.00 40.38
C ALA A 313 3.34 -25.22 41.19
N LYS A 314 2.39 -26.03 41.66
CA LYS A 314 2.69 -27.29 42.34
C LYS A 314 3.03 -28.44 41.37
N ASP A 315 2.92 -28.24 40.06
CA ASP A 315 3.20 -29.29 39.06
C ASP A 315 4.70 -29.31 38.74
N PRO A 316 5.38 -30.45 38.85
CA PRO A 316 6.84 -30.45 38.57
C PRO A 316 7.20 -30.10 37.11
N ARG A 317 6.32 -30.33 36.12
CA ARG A 317 6.61 -29.87 34.76
C ARG A 317 6.66 -28.33 34.67
N ILE A 318 5.83 -27.65 35.46
CA ILE A 318 5.86 -26.18 35.47
C ILE A 318 7.07 -25.65 36.24
N ALA A 319 7.51 -26.35 37.29
CA ALA A 319 8.68 -25.87 38.02
C ALA A 319 9.92 -25.83 37.12
N ALA A 320 10.07 -26.82 36.24
CA ALA A 320 11.19 -26.83 35.29
C ALA A 320 11.09 -25.71 34.25
N THR A 321 9.87 -25.37 33.82
CA THR A 321 9.68 -24.28 32.85
C THR A 321 10.20 -22.95 33.42
N MET A 322 9.88 -22.66 34.69
CA MET A 322 10.31 -21.40 35.32
C MET A 322 11.80 -21.37 35.70
N GLU A 323 12.45 -22.53 35.89
CA GLU A 323 13.90 -22.52 36.13
C GLU A 323 14.67 -22.18 34.85
N ASN A 324 14.25 -22.72 33.70
CA ASN A 324 14.88 -22.34 32.42
C ASN A 324 14.62 -20.86 32.10
N ALA A 325 13.42 -20.34 32.44
CA ALA A 325 13.11 -18.93 32.19
C ALA A 325 14.00 -17.97 32.99
N GLN A 326 14.36 -18.33 34.23
CA GLN A 326 15.18 -17.44 35.05
C GLN A 326 16.64 -17.40 34.62
N LYS A 327 17.15 -18.47 34.01
CA LYS A 327 18.49 -18.45 33.42
C LYS A 327 18.56 -17.72 32.07
N GLY A 328 17.43 -17.47 31.39
CA GLY A 328 17.37 -16.80 30.08
C GLY A 328 17.08 -15.31 30.18
N GLU A 329 16.46 -14.74 29.11
CA GLU A 329 16.16 -13.30 28.99
C GLU A 329 14.84 -13.02 28.30
N ILE A 330 14.11 -11.98 28.75
CA ILE A 330 12.86 -11.54 28.10
C ILE A 330 13.18 -10.85 26.77
N MET A 331 12.41 -11.16 25.69
CA MET A 331 12.66 -10.54 24.38
C MET A 331 12.31 -9.04 24.39
N PRO A 332 13.07 -8.19 23.68
CA PRO A 332 12.61 -6.80 23.45
C PRO A 332 11.37 -6.76 22.57
N ASN A 333 10.68 -5.60 22.55
CA ASN A 333 9.54 -5.42 21.65
C ASN A 333 9.72 -4.34 20.58
N ILE A 334 10.93 -3.84 20.36
CA ILE A 334 11.17 -2.73 19.41
C ILE A 334 10.93 -3.12 17.95
N PRO A 335 10.66 -2.16 17.05
CA PRO A 335 10.34 -2.53 15.65
C PRO A 335 11.47 -3.24 14.89
N GLN A 336 12.74 -3.08 15.30
CA GLN A 336 13.87 -3.71 14.64
C GLN A 336 13.97 -5.25 14.84
N MET A 337 13.09 -5.88 15.63
CA MET A 337 13.25 -7.30 15.95
C MET A 337 12.98 -8.25 14.76
N SER A 338 12.12 -7.87 13.80
CA SER A 338 11.91 -8.79 12.68
C SER A 338 13.09 -8.82 11.70
N ALA A 339 13.84 -7.71 11.57
CA ALA A 339 15.07 -7.76 10.77
C ALA A 339 16.15 -8.64 11.41
N PHE A 340 16.24 -8.63 12.75
CA PHE A 340 17.16 -9.53 13.47
C PHE A 340 16.87 -11.01 13.19
N TRP A 341 15.58 -11.41 13.25
CA TRP A 341 15.25 -12.85 13.11
C TRP A 341 15.46 -13.37 11.68
N TYR A 342 15.20 -12.54 10.66
CA TYR A 342 15.47 -12.98 9.28
C TYR A 342 16.96 -13.22 9.02
N ALA A 343 17.84 -12.36 9.57
CA ALA A 343 19.28 -12.46 9.32
C ALA A 343 19.89 -13.71 9.93
N VAL A 344 19.51 -14.06 11.17
CA VAL A 344 20.04 -15.25 11.83
C VAL A 344 19.50 -16.54 11.19
N ARG A 345 18.26 -16.53 10.67
CA ARG A 345 17.72 -17.71 10.01
C ARG A 345 18.53 -18.10 8.77
N THR A 346 18.88 -17.11 7.94
CA THR A 346 19.69 -17.37 6.74
C THR A 346 21.08 -17.93 7.09
N ALA A 347 21.74 -17.38 8.12
CA ALA A 347 23.10 -17.82 8.49
C ALA A 347 23.13 -19.30 8.93
N VAL A 348 22.16 -19.74 9.75
CA VAL A 348 22.15 -21.13 10.23
C VAL A 348 21.90 -22.12 9.07
N ILE A 349 21.02 -21.77 8.12
CA ILE A 349 20.71 -22.68 7.01
C ILE A 349 21.90 -22.87 6.06
N ASN A 350 22.64 -21.80 5.75
CA ASN A 350 23.78 -21.94 4.83
C ASN A 350 24.94 -22.71 5.47
N ALA A 351 25.15 -22.55 6.80
CA ALA A 351 26.28 -23.20 7.45
C ALA A 351 26.03 -24.67 7.77
N ALA A 352 24.81 -25.02 8.19
CA ALA A 352 24.46 -26.42 8.43
C ALA A 352 24.48 -27.29 7.17
N SER A 353 24.18 -26.71 5.99
CA SER A 353 24.21 -27.47 4.74
C SER A 353 25.58 -27.44 4.05
N GLY A 354 26.56 -26.75 4.62
CA GLY A 354 27.89 -26.73 4.05
C GLY A 354 28.08 -25.84 2.84
N ARG A 355 27.24 -24.83 2.67
CA ARG A 355 27.38 -23.90 1.55
C ARG A 355 28.22 -22.67 1.89
N GLN A 356 28.68 -22.53 3.13
CA GLN A 356 29.43 -21.37 3.62
C GLN A 356 30.20 -21.79 4.89
N THR A 357 31.34 -21.15 5.18
CA THR A 357 31.99 -21.45 6.46
C THR A 357 31.30 -20.72 7.61
N VAL A 358 31.58 -21.18 8.85
CA VAL A 358 30.94 -20.57 10.04
C VAL A 358 31.33 -19.09 10.17
N ASP A 359 32.62 -18.78 10.03
CA ASP A 359 33.08 -17.39 10.24
C ASP A 359 32.53 -16.44 9.17
N ALA A 360 32.49 -16.87 7.91
CA ALA A 360 31.98 -15.99 6.86
C ALA A 360 30.46 -15.79 6.96
N ALA A 361 29.72 -16.80 7.47
CA ALA A 361 28.27 -16.67 7.54
C ALA A 361 27.83 -15.65 8.60
N LEU A 362 28.49 -15.65 9.77
CA LEU A 362 28.11 -14.75 10.86
C LEU A 362 28.56 -13.29 10.63
N ALA A 363 29.62 -13.06 9.84
CA ALA A 363 30.04 -11.68 9.57
C ALA A 363 29.06 -10.96 8.66
N ALA A 364 28.44 -11.69 7.71
CA ALA A 364 27.39 -11.11 6.89
C ALA A 364 26.10 -10.86 7.67
N ALA A 365 25.78 -11.72 8.66
CA ALA A 365 24.58 -11.51 9.48
C ALA A 365 24.65 -10.22 10.31
N GLN A 366 25.86 -9.83 10.78
CA GLN A 366 25.96 -8.57 11.53
C GLN A 366 25.51 -7.37 10.68
N THR A 367 25.84 -7.37 9.38
CA THR A 367 25.43 -6.31 8.46
C THR A 367 23.95 -6.37 8.10
N ASN A 368 23.42 -7.58 7.78
CA ASN A 368 22.02 -7.73 7.38
C ASN A 368 21.04 -7.41 8.54
N ALA A 369 21.44 -7.66 9.78
CA ALA A 369 20.54 -7.40 10.92
C ALA A 369 20.23 -5.93 11.11
N ALA A 370 21.02 -5.02 10.53
CA ALA A 370 20.80 -3.59 10.66
C ALA A 370 20.04 -2.95 9.48
N ARG A 371 19.58 -3.75 8.50
CA ARG A 371 18.93 -3.24 7.29
C ARG A 371 17.45 -3.64 7.27
N ALA A 372 16.56 -2.64 7.37
CA ALA A 372 15.13 -2.91 7.48
C ALA A 372 14.55 -3.57 6.22
N ALA A 373 15.09 -3.28 5.03
CA ALA A 373 14.49 -3.74 3.78
C ALA A 373 15.15 -5.00 3.19
N ALA A 374 15.99 -5.70 3.95
CA ALA A 374 16.72 -6.86 3.42
C ALA A 374 15.79 -8.01 2.99
N GLU A 375 14.82 -8.35 3.84
CA GLU A 375 13.92 -9.46 3.51
C GLU A 375 13.05 -9.15 2.27
N SER A 376 12.65 -7.90 2.09
CA SER A 376 11.93 -7.50 0.88
C SER A 376 12.77 -7.67 -0.40
N PHE A 377 14.07 -7.36 -0.34
CA PHE A 377 14.96 -7.59 -1.49
C PHE A 377 15.04 -9.08 -1.85
N LYS A 378 15.06 -9.96 -0.85
CA LYS A 378 15.11 -11.41 -1.11
C LYS A 378 13.87 -11.88 -1.86
N GLU A 379 12.69 -11.34 -1.53
CA GLU A 379 11.48 -11.75 -2.23
C GLU A 379 11.45 -11.26 -3.69
N HIS A 380 12.02 -10.07 -3.99
CA HIS A 380 12.05 -9.60 -5.38
C HIS A 380 13.07 -10.36 -6.23
N LEU A 381 14.18 -10.84 -5.65
CA LEU A 381 15.10 -11.70 -6.39
C LEU A 381 14.45 -13.05 -6.75
N GLN A 382 13.72 -13.66 -5.80
CA GLN A 382 13.05 -14.95 -6.05
C GLN A 382 12.10 -14.87 -7.25
N GLU A 383 11.32 -13.79 -7.34
CA GLU A 383 10.38 -13.63 -8.44
C GLU A 383 11.10 -13.47 -9.79
N ALA A 384 12.28 -12.83 -9.83
CA ALA A 384 12.97 -12.69 -11.11
C ALA A 384 13.52 -14.04 -11.60
N PHE A 385 14.02 -14.88 -10.69
CA PHE A 385 14.51 -16.21 -11.11
C PHE A 385 13.37 -17.09 -11.66
N GLU A 386 12.17 -17.00 -11.07
CA GLU A 386 11.02 -17.75 -11.58
C GLU A 386 10.62 -17.31 -12.99
N ASP A 387 10.74 -16.00 -13.28
CA ASP A 387 10.33 -15.45 -14.58
C ASP A 387 11.28 -15.82 -15.73
N LEU A 388 12.52 -16.22 -15.44
CA LEU A 388 13.46 -16.58 -16.52
C LEU A 388 13.10 -17.89 -17.19
N GLY A 389 12.70 -18.89 -16.42
CA GLY A 389 12.54 -20.23 -16.94
C GLY A 389 13.79 -21.08 -16.74
N ALA A 390 13.59 -22.40 -16.80
CA ALA A 390 14.64 -23.33 -16.41
C ALA A 390 15.83 -23.33 -17.37
N ASP A 391 15.60 -23.18 -18.69
CA ASP A 391 16.71 -23.21 -19.64
C ASP A 391 17.61 -21.97 -19.52
N ASN A 392 17.03 -20.77 -19.41
CA ASN A 392 17.83 -19.56 -19.18
C ASN A 392 18.50 -19.54 -17.80
N LEU A 393 17.90 -20.19 -16.78
CA LEU A 393 18.53 -20.16 -15.44
C LEU A 393 19.73 -21.10 -15.34
N ARG A 394 19.82 -22.14 -16.19
CA ARG A 394 21.05 -22.95 -16.26
C ARG A 394 22.24 -22.13 -16.79
N LYS A 395 22.01 -21.19 -17.70
CA LYS A 395 23.08 -20.29 -18.16
C LYS A 395 23.56 -19.34 -17.06
N PHE A 396 22.63 -18.82 -16.24
CA PHE A 396 22.99 -17.94 -15.11
C PHE A 396 23.91 -18.65 -14.12
N LYS A 397 23.57 -19.89 -13.72
CA LYS A 397 24.37 -20.60 -12.73
C LYS A 397 25.75 -21.00 -13.26
N SER A 398 25.89 -21.16 -14.58
CA SER A 398 27.20 -21.46 -15.15
C SER A 398 28.16 -20.27 -15.02
N LYS A 399 27.68 -19.05 -15.24
CA LYS A 399 28.52 -17.86 -15.15
C LYS A 399 28.86 -17.47 -13.71
N LEU A 400 27.98 -17.77 -12.74
CA LEU A 400 28.29 -17.52 -11.33
C LEU A 400 29.45 -18.39 -10.85
N GLY A 401 29.50 -19.66 -11.29
CA GLY A 401 30.59 -20.53 -10.91
C GLY A 401 31.95 -20.19 -11.52
N ASP A 402 31.96 -19.42 -12.61
CA ASP A 402 33.19 -19.00 -13.30
C ASP A 402 33.79 -17.68 -12.81
N ARG A 403 33.09 -16.89 -11.99
CA ARG A 403 33.58 -15.58 -11.58
C ARG A 403 34.90 -15.65 -10.82
N ARG A 404 35.84 -14.75 -11.15
CA ARG A 404 37.11 -14.63 -10.45
C ARG A 404 37.14 -13.52 -9.41
N GLN A 405 36.23 -12.54 -9.49
CA GLN A 405 36.10 -11.51 -8.46
C GLN A 405 35.79 -12.12 -7.10
N GLU A 406 36.18 -11.42 -6.03
CA GLU A 406 35.83 -11.85 -4.67
C GLU A 406 34.50 -11.22 -4.25
N PRO A 407 33.70 -11.96 -3.45
CA PRO A 407 33.93 -13.34 -2.99
C PRO A 407 33.53 -14.43 -4.01
N ARG A 408 34.30 -15.51 -4.10
CA ARG A 408 34.07 -16.62 -5.05
C ARG A 408 33.07 -17.63 -4.50
N VAL A 409 32.38 -18.33 -5.41
CA VAL A 409 31.35 -19.33 -5.10
C VAL A 409 31.78 -20.68 -5.71
N THR A 410 31.87 -21.73 -4.88
CA THR A 410 32.35 -23.01 -5.38
C THR A 410 31.28 -23.76 -6.18
N LYS A 411 31.74 -24.61 -7.10
CA LYS A 411 30.80 -25.31 -7.97
C LYS A 411 30.07 -26.45 -7.25
N SER A 412 30.72 -27.08 -6.28
CA SER A 412 30.01 -28.08 -5.47
C SER A 412 28.83 -27.46 -4.72
N ALA A 413 28.97 -26.24 -4.20
CA ALA A 413 27.86 -25.62 -3.46
C ALA A 413 26.69 -25.27 -4.37
N ILE A 414 26.94 -24.94 -5.65
CA ILE A 414 25.85 -24.62 -6.57
C ILE A 414 25.05 -25.89 -6.93
N GLU A 415 25.74 -27.01 -7.13
CA GLU A 415 25.05 -28.26 -7.45
C GLU A 415 24.19 -28.80 -6.30
N LYS A 416 24.32 -28.26 -5.08
CA LYS A 416 23.51 -28.76 -3.98
C LYS A 416 22.19 -28.00 -3.78
N LEU A 417 21.93 -26.93 -4.53
CA LEU A 417 20.67 -26.19 -4.44
C LEU A 417 19.50 -27.00 -5.04
N LYS A 418 18.26 -26.71 -4.58
CA LYS A 418 17.06 -27.44 -5.00
C LYS A 418 16.05 -26.64 -5.84
N ASP A 419 16.01 -25.31 -5.71
CA ASP A 419 14.96 -24.48 -6.32
C ASP A 419 15.36 -23.01 -6.21
N GLU A 420 14.41 -22.11 -6.58
CA GLU A 420 14.66 -20.67 -6.65
C GLU A 420 14.73 -20.00 -5.26
N ILE A 421 14.13 -20.60 -4.23
CA ILE A 421 14.20 -20.07 -2.87
C ILE A 421 15.60 -20.26 -2.29
N ASP A 422 16.19 -21.45 -2.48
CA ASP A 422 17.56 -21.71 -2.06
C ASP A 422 18.56 -20.77 -2.72
N LEU A 423 18.36 -20.46 -4.02
CA LEU A 423 19.32 -19.58 -4.71
C LEU A 423 19.27 -18.15 -4.19
N ALA A 424 18.07 -17.62 -3.91
CA ALA A 424 17.99 -16.26 -3.40
C ALA A 424 18.58 -16.13 -1.98
N ASP A 425 18.46 -17.17 -1.14
CA ASP A 425 19.07 -17.17 0.19
C ASP A 425 20.60 -17.24 0.13
N LEU A 426 21.15 -17.99 -0.85
CA LEU A 426 22.61 -18.03 -0.99
C LEU A 426 23.18 -16.67 -1.42
N MET A 427 22.47 -15.95 -2.30
CA MET A 427 22.97 -14.66 -2.79
C MET A 427 23.02 -13.60 -1.69
N VAL A 428 21.94 -13.46 -0.89
CA VAL A 428 21.90 -12.43 0.17
C VAL A 428 22.84 -12.79 1.34
N GLY A 429 23.08 -14.08 1.58
CA GLY A 429 23.98 -14.52 2.65
C GLY A 429 25.47 -14.37 2.37
N VAL A 430 25.88 -14.42 1.09
CA VAL A 430 27.29 -14.32 0.72
C VAL A 430 27.72 -12.87 0.44
N PHE A 431 26.90 -12.08 -0.25
CA PHE A 431 27.26 -10.71 -0.63
C PHE A 431 26.70 -9.60 0.28
N THR A 432 25.67 -9.90 1.12
CA THR A 432 24.76 -8.97 1.80
C THR A 432 23.82 -8.32 0.78
N SER A 433 22.77 -7.61 1.23
CA SER A 433 21.56 -7.43 0.43
C SER A 433 21.71 -6.43 -0.73
N LYS A 434 22.38 -5.30 -0.52
CA LYS A 434 22.50 -4.31 -1.60
C LYS A 434 23.43 -4.81 -2.72
N ASP A 435 24.57 -5.41 -2.34
CA ASP A 435 25.52 -5.94 -3.32
C ASP A 435 24.94 -7.12 -4.11
N ALA A 436 24.02 -7.89 -3.51
CA ALA A 436 23.43 -9.04 -4.21
C ALA A 436 22.67 -8.61 -5.45
N VAL A 437 21.99 -7.45 -5.40
CA VAL A 437 21.23 -6.96 -6.54
C VAL A 437 22.18 -6.48 -7.65
N SER A 438 23.26 -5.78 -7.29
CA SER A 438 24.23 -5.27 -8.29
C SER A 438 24.88 -6.39 -9.10
N VAL A 439 25.33 -7.46 -8.44
CA VAL A 439 25.95 -8.58 -9.14
C VAL A 439 24.94 -9.29 -10.06
N THR A 440 23.70 -9.51 -9.57
CA THR A 440 22.68 -10.18 -10.39
C THR A 440 22.40 -9.41 -11.68
N VAL A 441 22.25 -8.08 -11.60
CA VAL A 441 21.98 -7.26 -12.80
C VAL A 441 23.12 -7.39 -13.81
N GLU A 442 24.36 -7.45 -13.32
CA GLU A 442 25.54 -7.57 -14.20
C GLU A 442 25.58 -8.89 -14.97
N ILE A 443 25.19 -10.00 -14.34
CA ILE A 443 25.18 -11.30 -15.03
C ILE A 443 24.03 -11.36 -16.04
N LEU A 444 22.86 -10.80 -15.70
CA LEU A 444 21.71 -10.82 -16.60
C LEU A 444 21.99 -10.06 -17.91
N ARG A 445 22.74 -8.95 -17.83
CA ARG A 445 23.08 -8.20 -19.04
C ARG A 445 24.04 -8.97 -19.94
N ALA A 446 24.88 -9.82 -19.37
CA ALA A 446 25.82 -10.62 -20.16
C ALA A 446 25.19 -11.85 -20.83
N ILE A 447 23.99 -12.28 -20.44
CA ILE A 447 23.28 -13.34 -21.16
C ILE A 447 22.07 -12.81 -21.94
N LYS A 448 21.98 -11.48 -22.10
CA LYS A 448 21.01 -10.82 -22.99
C LYS A 448 19.55 -10.93 -22.50
N CYS A 449 19.34 -10.84 -21.19
CA CYS A 449 18.00 -10.83 -20.59
C CYS A 449 17.70 -9.44 -20.02
N ASN A 450 17.58 -8.45 -20.90
CA ASN A 450 17.55 -7.05 -20.47
C ASN A 450 16.21 -6.60 -19.89
N ALA A 451 15.09 -7.21 -20.30
CA ALA A 451 13.80 -6.79 -19.75
C ALA A 451 13.65 -7.19 -18.27
N VAL A 452 14.17 -8.38 -17.91
CA VAL A 452 14.07 -8.84 -16.53
C VAL A 452 14.95 -7.97 -15.61
N ALA A 453 16.12 -7.56 -16.09
CA ALA A 453 17.00 -6.75 -15.26
C ALA A 453 16.40 -5.38 -14.97
N ASP A 454 15.68 -4.80 -15.94
CA ASP A 454 15.10 -3.46 -15.75
C ASP A 454 13.99 -3.47 -14.71
N ASP A 455 13.10 -4.48 -14.76
CA ASP A 455 12.01 -4.57 -13.79
C ASP A 455 12.53 -4.74 -12.37
N LEU A 456 13.59 -5.54 -12.19
CA LEU A 456 14.17 -5.74 -10.87
C LEU A 456 14.74 -4.46 -10.28
N LEU A 457 15.31 -3.59 -11.13
CA LEU A 457 15.94 -2.36 -10.65
C LEU A 457 14.91 -1.35 -10.12
N ARG A 458 13.76 -1.21 -10.81
CA ARG A 458 12.82 -0.20 -10.35
C ARG A 458 12.12 -0.57 -9.04
N ASN A 459 12.22 -1.80 -8.56
CA ASN A 459 11.57 -2.24 -7.33
C ASN A 459 12.52 -2.42 -6.14
N THR A 460 13.81 -2.10 -6.30
CA THR A 460 14.78 -2.23 -5.21
C THR A 460 15.65 -0.98 -5.07
N LEU A 461 16.80 -0.94 -5.75
CA LEU A 461 17.74 0.18 -5.61
C LEU A 461 17.18 1.48 -6.18
N GLU A 462 16.24 1.41 -7.13
CA GLU A 462 15.54 2.57 -7.68
C GLU A 462 16.47 3.72 -8.07
N LYS B 2 12.67 5.86 3.00
CA LYS B 2 11.37 6.03 2.36
C LYS B 2 10.69 7.32 2.84
N ILE B 3 9.76 7.17 3.78
CA ILE B 3 9.06 8.28 4.40
C ILE B 3 9.53 8.37 5.85
N GLU B 4 9.66 9.59 6.35
CA GLU B 4 10.42 9.90 7.57
C GLU B 4 9.50 10.12 8.77
N GLU B 5 9.82 9.48 9.90
CA GLU B 5 9.01 9.59 11.10
C GLU B 5 9.27 10.90 11.83
N GLY B 6 8.20 11.55 12.31
CA GLY B 6 8.34 12.77 13.08
C GLY B 6 8.18 14.09 12.34
N LYS B 7 7.76 14.08 11.07
CA LYS B 7 7.36 15.28 10.34
C LYS B 7 6.32 14.92 9.28
N LEU B 8 5.77 15.95 8.60
CA LEU B 8 4.67 15.80 7.64
C LEU B 8 4.98 16.49 6.30
N VAL B 9 4.71 15.79 5.17
CA VAL B 9 4.82 16.33 3.80
C VAL B 9 3.45 16.28 3.11
N ILE B 10 3.07 17.39 2.42
CA ILE B 10 1.75 17.62 1.82
C ILE B 10 1.87 18.09 0.36
N TRP B 11 1.04 17.54 -0.55
CA TRP B 11 0.99 17.94 -1.97
C TRP B 11 -0.39 18.51 -2.36
N ILE B 12 -0.42 19.66 -3.08
CA ILE B 12 -1.66 20.29 -3.55
C ILE B 12 -1.45 20.98 -4.92
N ASN B 13 -2.56 21.21 -5.66
CA ASN B 13 -2.46 21.71 -7.03
C ASN B 13 -2.12 23.20 -7.08
N GLY B 14 -1.44 23.60 -8.16
CA GLY B 14 -0.83 24.91 -8.29
C GLY B 14 -1.78 26.08 -8.49
N ASP B 15 -3.09 25.85 -8.66
CA ASP B 15 -4.03 26.96 -8.82
C ASP B 15 -4.85 27.26 -7.55
N LYS B 16 -4.51 26.65 -6.42
CA LYS B 16 -5.21 26.85 -5.14
C LYS B 16 -4.38 27.73 -4.19
N GLY B 17 -4.94 27.99 -3.01
CA GLY B 17 -4.30 28.87 -2.03
C GLY B 17 -3.21 28.26 -1.16
N TYR B 18 -2.09 27.86 -1.76
CA TYR B 18 -1.08 27.10 -1.04
C TYR B 18 -0.29 27.94 -0.03
N ASN B 19 -0.31 29.28 -0.15
CA ASN B 19 0.38 30.13 0.81
C ASN B 19 -0.42 30.26 2.11
N GLY B 20 -1.76 30.31 2.02
CA GLY B 20 -2.58 30.27 3.22
C GLY B 20 -2.46 28.96 3.99
N LEU B 21 -2.31 27.84 3.28
CA LEU B 21 -2.18 26.54 3.94
C LEU B 21 -0.87 26.42 4.71
N ALA B 22 0.20 27.05 4.20
CA ALA B 22 1.47 27.03 4.89
C ALA B 22 1.40 27.75 6.24
N GLU B 23 0.55 28.77 6.35
CA GLU B 23 0.43 29.46 7.63
C GLU B 23 -0.32 28.62 8.68
N VAL B 24 -1.28 27.80 8.24
CA VAL B 24 -1.89 26.83 9.15
C VAL B 24 -0.82 25.85 9.64
N GLY B 25 0.11 25.45 8.76
CA GLY B 25 1.20 24.59 9.17
C GLY B 25 2.13 25.20 10.20
N LYS B 26 2.22 26.54 10.23
CA LYS B 26 3.14 27.20 11.17
C LYS B 26 2.56 27.26 12.59
N LYS B 27 1.26 27.52 12.71
CA LYS B 27 0.59 27.47 14.00
C LYS B 27 0.68 26.08 14.64
N PHE B 28 0.58 25.02 13.82
CA PHE B 28 0.70 23.64 14.32
C PHE B 28 2.10 23.39 14.89
N GLU B 29 3.15 23.89 14.21
CA GLU B 29 4.52 23.67 14.67
C GLU B 29 4.80 24.40 15.99
N LYS B 30 4.25 25.59 16.19
CA LYS B 30 4.48 26.32 17.44
C LYS B 30 3.89 25.60 18.64
N ASP B 31 2.77 24.89 18.46
CA ASP B 31 2.10 24.23 19.58
C ASP B 31 2.66 22.85 19.89
N THR B 32 3.32 22.19 18.93
CA THR B 32 3.71 20.80 19.08
C THR B 32 5.18 20.52 18.82
N GLY B 33 5.91 21.41 18.17
CA GLY B 33 7.28 21.11 17.79
C GLY B 33 7.45 20.23 16.56
N ILE B 34 6.39 20.02 15.77
CA ILE B 34 6.41 19.16 14.59
C ILE B 34 6.41 20.03 13.33
N LYS B 35 7.36 19.80 12.43
CA LYS B 35 7.54 20.62 11.22
C LYS B 35 6.77 20.08 10.00
N VAL B 36 6.20 21.02 9.21
CA VAL B 36 5.32 20.76 8.07
C VAL B 36 5.85 21.47 6.82
N THR B 37 5.82 20.77 5.66
CA THR B 37 6.29 21.29 4.37
C THR B 37 5.25 21.05 3.27
N VAL B 38 4.91 22.11 2.52
CA VAL B 38 3.88 22.09 1.47
C VAL B 38 4.52 22.24 0.08
N GLU B 39 4.10 21.39 -0.88
CA GLU B 39 4.66 21.42 -2.26
C GLU B 39 3.56 21.31 -3.32
N HIS B 40 3.85 21.81 -4.54
CA HIS B 40 2.91 21.76 -5.66
C HIS B 40 3.57 21.28 -6.96
N PRO B 41 3.79 19.98 -7.11
CA PRO B 41 4.45 19.46 -8.32
C PRO B 41 3.51 19.47 -9.53
N ASP B 42 4.13 19.32 -10.71
CA ASP B 42 3.39 19.34 -11.98
C ASP B 42 2.77 17.98 -12.29
N LYS B 43 1.55 18.01 -12.84
CA LYS B 43 0.78 16.80 -13.19
C LYS B 43 0.70 15.82 -12.03
N LEU B 44 0.28 16.33 -10.86
CA LEU B 44 0.37 15.53 -9.65
C LEU B 44 -0.64 14.39 -9.60
N GLU B 45 -1.75 14.47 -10.34
CA GLU B 45 -2.71 13.36 -10.27
C GLU B 45 -2.23 12.11 -11.01
N GLU B 46 -1.17 12.21 -11.81
CA GLU B 46 -0.48 11.07 -12.40
C GLU B 46 0.80 10.66 -11.65
N LYS B 47 1.49 11.61 -11.00
CA LYS B 47 2.71 11.26 -10.28
C LYS B 47 2.44 10.48 -8.98
N PHE B 48 1.35 10.81 -8.25
CA PHE B 48 1.09 10.12 -6.97
C PHE B 48 0.94 8.60 -7.13
N PRO B 49 0.13 8.06 -8.05
CA PRO B 49 0.08 6.58 -8.17
C PRO B 49 1.39 5.95 -8.67
N GLN B 50 2.31 6.72 -9.24
CA GLN B 50 3.59 6.14 -9.65
C GLN B 50 4.53 5.93 -8.46
N VAL B 51 4.70 6.94 -7.60
CA VAL B 51 5.63 6.80 -6.48
C VAL B 51 5.03 6.00 -5.33
N ALA B 52 3.72 6.11 -5.09
CA ALA B 52 3.13 5.42 -3.94
C ALA B 52 3.09 3.90 -4.11
N ALA B 53 3.23 3.39 -5.33
CA ALA B 53 3.22 1.94 -5.55
C ALA B 53 4.45 1.23 -4.99
N THR B 54 5.56 1.94 -4.76
CA THR B 54 6.74 1.36 -4.15
C THR B 54 6.93 1.78 -2.70
N GLY B 55 5.92 2.38 -2.07
CA GLY B 55 6.03 2.80 -0.69
C GLY B 55 6.69 4.14 -0.43
N ASP B 56 6.75 5.04 -1.41
CA ASP B 56 7.26 6.41 -1.26
C ASP B 56 6.10 7.42 -1.36
N GLY B 57 6.45 8.71 -1.38
CA GLY B 57 5.48 9.77 -1.57
C GLY B 57 5.24 10.65 -0.34
N PRO B 58 4.22 11.51 -0.40
CA PRO B 58 3.88 12.37 0.74
C PRO B 58 2.98 11.66 1.74
N ASP B 59 2.81 12.31 2.92
CA ASP B 59 1.89 11.80 3.94
C ASP B 59 0.41 12.10 3.64
N ILE B 60 0.09 13.26 3.01
CA ILE B 60 -1.29 13.72 2.73
C ILE B 60 -1.40 14.25 1.29
N ILE B 61 -2.54 13.96 0.59
CA ILE B 61 -2.78 14.35 -0.82
C ILE B 61 -4.18 14.98 -1.03
N PHE B 62 -4.23 16.14 -1.75
CA PHE B 62 -5.44 16.94 -2.05
C PHE B 62 -5.80 16.91 -3.54
N TRP B 63 -7.06 16.57 -3.89
CA TRP B 63 -7.63 16.61 -5.26
C TRP B 63 -9.17 16.45 -5.16
N ALA B 64 -9.87 16.71 -6.26
CA ALA B 64 -11.32 16.45 -6.29
C ALA B 64 -11.64 14.95 -6.17
N HIS B 65 -12.87 14.65 -5.72
CA HIS B 65 -13.23 13.29 -5.27
C HIS B 65 -13.29 12.25 -6.39
N ASP B 66 -13.35 12.63 -7.67
CA ASP B 66 -13.55 11.62 -8.73
C ASP B 66 -12.36 10.65 -8.90
N ARG B 67 -11.15 11.02 -8.47
CA ARG B 67 -9.97 10.17 -8.67
C ARG B 67 -9.72 9.15 -7.54
N PHE B 68 -10.45 9.21 -6.42
CA PHE B 68 -10.07 8.44 -5.22
C PHE B 68 -10.52 6.97 -5.26
N GLY B 69 -11.63 6.64 -5.93
CA GLY B 69 -12.00 5.23 -6.07
C GLY B 69 -10.92 4.38 -6.73
N GLY B 70 -10.23 4.92 -7.75
CA GLY B 70 -9.14 4.20 -8.39
C GLY B 70 -7.95 3.96 -7.47
N TYR B 71 -7.57 4.98 -6.67
CA TYR B 71 -6.46 4.81 -5.71
C TYR B 71 -6.79 3.72 -4.67
N ALA B 72 -8.04 3.70 -4.16
CA ALA B 72 -8.42 2.70 -3.15
C ALA B 72 -8.38 1.27 -3.70
N GLN B 73 -8.90 1.05 -4.92
N GLN B 73 -8.87 1.05 -4.91
CA GLN B 73 -8.85 -0.29 -5.50
CA GLN B 73 -8.87 -0.31 -5.46
C GLN B 73 -7.43 -0.81 -5.60
C GLN B 73 -7.45 -0.83 -5.72
N SER B 74 -6.46 0.07 -5.87
CA SER B 74 -5.06 -0.33 -5.99
C SER B 74 -4.36 -0.52 -4.64
N GLY B 75 -5.03 -0.21 -3.52
CA GLY B 75 -4.44 -0.43 -2.20
C GLY B 75 -3.52 0.66 -1.70
N LEU B 76 -3.74 1.92 -2.07
CA LEU B 76 -2.82 2.98 -1.72
C LEU B 76 -3.28 3.86 -0.54
N LEU B 77 -4.51 3.69 -0.01
CA LEU B 77 -5.08 4.63 0.97
C LEU B 77 -5.48 3.96 2.30
N ALA B 78 -5.25 4.67 3.41
CA ALA B 78 -5.72 4.25 4.73
C ALA B 78 -7.22 4.54 4.91
N GLU B 79 -7.89 3.77 5.77
CA GLU B 79 -9.27 4.08 6.16
C GLU B 79 -9.25 5.11 7.31
N ILE B 80 -10.14 6.16 7.23
CA ILE B 80 -10.19 7.19 8.26
C ILE B 80 -11.28 6.83 9.27
N THR B 81 -11.15 7.32 10.52
CA THR B 81 -12.02 6.90 11.63
C THR B 81 -12.49 8.08 12.48
N PRO B 82 -13.37 8.94 11.95
CA PRO B 82 -13.88 10.06 12.77
C PRO B 82 -15.02 9.61 13.69
N ALA B 83 -15.11 10.25 14.87
CA ALA B 83 -16.13 9.90 15.85
C ALA B 83 -17.50 10.48 15.48
N ALA B 84 -18.54 9.95 16.10
CA ALA B 84 -19.90 10.39 15.78
C ALA B 84 -20.13 11.85 16.11
N ALA B 85 -19.41 12.39 17.10
CA ALA B 85 -19.49 13.81 17.40
C ALA B 85 -18.80 14.67 16.36
N PHE B 86 -17.80 14.14 15.63
CA PHE B 86 -17.15 14.97 14.61
C PHE B 86 -17.95 14.99 13.31
N GLN B 87 -18.52 13.85 12.91
CA GLN B 87 -19.29 13.77 11.67
C GLN B 87 -20.47 14.76 11.64
N ASP B 88 -21.01 15.11 12.81
CA ASP B 88 -22.19 15.98 12.86
C ASP B 88 -21.91 17.43 12.50
N LYS B 89 -20.66 17.86 12.42
CA LYS B 89 -20.33 19.23 12.06
C LYS B 89 -20.32 19.48 10.54
N LEU B 90 -20.53 18.47 9.70
CA LEU B 90 -20.48 18.63 8.25
C LEU B 90 -21.77 18.11 7.60
N TYR B 91 -22.12 18.68 6.43
CA TYR B 91 -23.37 18.33 5.75
C TYR B 91 -23.35 16.88 5.28
N PRO B 92 -24.50 16.17 5.32
CA PRO B 92 -24.50 14.73 5.04
C PRO B 92 -24.24 14.36 3.58
N PHE B 93 -24.66 15.18 2.61
CA PHE B 93 -24.40 14.81 1.22
C PHE B 93 -22.91 14.86 0.87
N THR B 94 -22.09 15.59 1.64
CA THR B 94 -20.67 15.61 1.32
C THR B 94 -19.95 14.35 1.80
N TRP B 95 -20.43 13.70 2.89
CA TRP B 95 -19.87 12.41 3.27
C TRP B 95 -20.23 11.32 2.26
N ASP B 96 -21.38 11.40 1.59
CA ASP B 96 -21.70 10.38 0.58
C ASP B 96 -20.70 10.40 -0.58
N ALA B 97 -20.07 11.55 -0.86
CA ALA B 97 -19.17 11.64 -2.00
C ALA B 97 -17.83 10.93 -1.78
N VAL B 98 -17.43 10.66 -0.52
CA VAL B 98 -16.16 10.02 -0.20
C VAL B 98 -16.35 8.59 0.37
N ARG B 99 -17.51 7.96 0.18
CA ARG B 99 -17.73 6.57 0.60
C ARG B 99 -17.58 5.62 -0.58
N TYR B 100 -16.81 4.53 -0.39
CA TYR B 100 -16.54 3.55 -1.45
C TYR B 100 -16.58 2.13 -0.88
N ASN B 101 -17.48 1.30 -1.41
CA ASN B 101 -17.69 -0.08 -0.95
C ASN B 101 -17.91 -0.16 0.57
N GLY B 102 -18.56 0.84 1.15
CA GLY B 102 -18.92 0.83 2.55
C GLY B 102 -17.97 1.58 3.47
N LYS B 103 -16.80 2.00 3.00
CA LYS B 103 -15.78 2.62 3.85
C LYS B 103 -15.54 4.07 3.48
N LEU B 104 -15.21 4.90 4.48
CA LEU B 104 -14.80 6.27 4.22
C LEU B 104 -13.30 6.33 3.93
N ILE B 105 -12.92 7.06 2.86
CA ILE B 105 -11.52 7.08 2.40
C ILE B 105 -10.90 8.48 2.25
N ALA B 106 -11.57 9.55 2.72
CA ALA B 106 -11.01 10.92 2.72
C ALA B 106 -11.92 11.87 3.52
N TYR B 107 -11.35 13.05 3.90
CA TYR B 107 -12.08 14.15 4.56
C TYR B 107 -12.57 15.17 3.55
N PRO B 108 -13.85 15.56 3.53
CA PRO B 108 -14.32 16.59 2.59
C PRO B 108 -14.10 18.02 3.10
N ILE B 109 -13.89 18.94 2.14
CA ILE B 109 -13.49 20.33 2.41
C ILE B 109 -14.46 21.35 1.80
N ALA B 110 -14.74 21.27 0.48
CA ALA B 110 -15.50 22.33 -0.22
C ALA B 110 -16.11 21.88 -1.56
N VAL B 111 -17.16 22.60 -2.00
CA VAL B 111 -17.94 22.29 -3.21
C VAL B 111 -17.69 23.34 -4.30
N GLU B 112 -17.39 22.89 -5.54
CA GLU B 112 -17.04 23.76 -6.67
C GLU B 112 -17.94 23.55 -7.90
N ALA B 113 -18.33 24.65 -8.56
CA ALA B 113 -19.03 24.64 -9.85
C ALA B 113 -18.67 25.89 -10.66
N LEU B 114 -18.72 25.76 -12.00
CA LEU B 114 -18.40 26.83 -12.95
C LEU B 114 -19.59 27.80 -13.14
N SER B 115 -19.28 29.07 -13.47
CA SER B 115 -20.26 30.13 -13.76
C SER B 115 -19.83 31.04 -14.92
N LEU B 116 -20.75 31.92 -15.35
CA LEU B 116 -20.48 32.94 -16.38
C LEU B 116 -20.04 34.27 -15.74
N ILE B 117 -18.93 34.84 -16.24
CA ILE B 117 -18.30 36.06 -15.70
C ILE B 117 -18.23 37.12 -16.82
N TYR B 118 -18.65 38.36 -16.54
CA TYR B 118 -18.86 39.37 -17.60
C TYR B 118 -18.52 40.80 -17.15
N ASN B 119 -18.21 41.64 -18.15
CA ASN B 119 -17.72 43.02 -17.97
C ASN B 119 -18.89 44.00 -18.09
N LYS B 120 -19.13 44.77 -17.00
CA LYS B 120 -20.32 45.60 -16.88
C LYS B 120 -20.27 46.86 -17.74
N ASP B 121 -19.08 47.40 -18.03
CA ASP B 121 -19.01 48.62 -18.84
C ASP B 121 -19.15 48.32 -20.32
N LEU B 122 -18.75 47.12 -20.76
CA LEU B 122 -18.95 46.73 -22.15
C LEU B 122 -20.33 46.15 -22.40
N LEU B 123 -20.91 45.44 -21.42
CA LEU B 123 -22.11 44.61 -21.65
C LEU B 123 -23.02 44.66 -20.42
N PRO B 124 -23.86 45.70 -20.31
CA PRO B 124 -24.71 45.82 -19.11
C PRO B 124 -25.76 44.73 -18.96
N ASN B 125 -26.24 44.14 -20.05
CA ASN B 125 -27.23 43.05 -19.99
C ASN B 125 -26.71 41.82 -20.72
N PRO B 126 -26.27 40.78 -20.02
CA PRO B 126 -25.67 39.61 -20.69
C PRO B 126 -26.72 38.72 -21.32
N PRO B 127 -26.35 37.92 -22.33
CA PRO B 127 -27.36 37.10 -23.04
C PRO B 127 -27.86 35.93 -22.20
N LYS B 128 -29.10 35.52 -22.49
CA LYS B 128 -29.75 34.40 -21.83
C LYS B 128 -29.71 33.09 -22.60
N THR B 129 -29.34 33.10 -23.90
CA THR B 129 -29.26 31.89 -24.73
C THR B 129 -27.92 31.82 -25.46
N TRP B 130 -27.46 30.58 -25.74
CA TRP B 130 -26.26 30.39 -26.56
C TRP B 130 -26.50 30.86 -28.00
N GLU B 131 -27.73 30.72 -28.49
CA GLU B 131 -28.05 31.06 -29.88
C GLU B 131 -27.88 32.55 -30.21
N GLU B 132 -27.93 33.45 -29.21
CA GLU B 132 -27.73 34.89 -29.39
C GLU B 132 -26.30 35.30 -29.72
N ILE B 133 -25.31 34.42 -29.61
CA ILE B 133 -23.90 34.82 -29.50
C ILE B 133 -23.23 35.14 -30.84
N PRO B 134 -23.52 34.46 -31.96
CA PRO B 134 -22.91 34.90 -33.24
C PRO B 134 -23.23 36.35 -33.64
N ALA B 135 -24.45 36.83 -33.41
CA ALA B 135 -24.80 38.20 -33.79
C ALA B 135 -24.12 39.24 -32.89
N LEU B 136 -24.03 38.94 -31.58
CA LEU B 136 -23.30 39.82 -30.67
C LEU B 136 -21.82 39.97 -31.07
N ASP B 137 -21.19 38.88 -31.55
CA ASP B 137 -19.77 38.97 -31.86
C ASP B 137 -19.52 39.81 -33.11
N LYS B 138 -20.45 39.78 -34.06
CA LYS B 138 -20.29 40.57 -35.28
C LYS B 138 -20.35 42.07 -34.99
N GLU B 139 -21.21 42.49 -34.06
CA GLU B 139 -21.29 43.90 -33.70
C GLU B 139 -20.05 44.36 -32.94
N LEU B 140 -19.52 43.53 -32.03
CA LEU B 140 -18.34 43.93 -31.26
C LEU B 140 -17.08 43.97 -32.12
N LYS B 141 -16.94 43.03 -33.07
CA LYS B 141 -15.74 42.98 -33.91
C LYS B 141 -15.58 44.25 -34.76
N ALA B 142 -16.70 44.84 -35.22
CA ALA B 142 -16.62 46.07 -36.03
C ALA B 142 -16.05 47.26 -35.27
N LYS B 143 -15.97 47.18 -33.92
CA LYS B 143 -15.35 48.23 -33.10
C LYS B 143 -14.07 47.76 -32.40
N GLY B 144 -13.50 46.62 -32.77
CA GLY B 144 -12.20 46.19 -32.26
C GLY B 144 -12.18 45.30 -31.02
N LYS B 145 -13.29 44.67 -30.62
CA LYS B 145 -13.38 43.80 -29.44
C LYS B 145 -13.95 42.43 -29.84
N SER B 146 -14.10 41.52 -28.86
CA SER B 146 -14.69 40.20 -29.11
C SER B 146 -15.68 39.80 -28.01
N ALA B 147 -16.51 38.78 -28.30
CA ALA B 147 -17.60 38.41 -27.41
C ALA B 147 -17.20 37.42 -26.29
N LEU B 148 -16.47 36.34 -26.60
CA LEU B 148 -16.25 35.25 -25.61
C LEU B 148 -14.94 34.48 -25.84
N MET B 149 -14.23 34.14 -24.73
CA MET B 149 -12.99 33.34 -24.77
C MET B 149 -12.82 32.45 -23.53
N PHE B 150 -12.53 31.15 -23.72
CA PHE B 150 -12.25 30.23 -22.60
C PHE B 150 -11.37 29.05 -23.06
N ASN B 151 -10.90 28.25 -22.07
CA ASN B 151 -9.89 27.19 -22.27
C ASN B 151 -10.47 26.00 -23.05
N LEU B 152 -9.95 25.74 -24.26
CA LEU B 152 -10.44 24.66 -25.12
C LEU B 152 -9.57 23.39 -25.07
N GLN B 153 -8.57 23.32 -24.20
CA GLN B 153 -7.67 22.15 -24.18
C GLN B 153 -7.98 21.13 -23.06
N GLU B 154 -8.82 21.45 -22.07
CA GLU B 154 -9.26 20.49 -21.04
C GLU B 154 -10.79 20.27 -21.11
N PRO B 155 -11.26 19.01 -21.21
CA PRO B 155 -12.69 18.78 -21.45
C PRO B 155 -13.65 19.20 -20.32
N TYR B 156 -13.16 19.47 -19.10
CA TYR B 156 -13.99 19.98 -18.00
C TYR B 156 -14.77 21.25 -18.39
N PHE B 157 -14.16 22.14 -19.19
CA PHE B 157 -14.78 23.42 -19.54
C PHE B 157 -15.80 23.35 -20.68
N THR B 158 -15.76 22.32 -21.56
CA THR B 158 -16.78 22.16 -22.61
C THR B 158 -17.95 21.21 -22.23
N TRP B 159 -17.81 20.38 -21.19
CA TRP B 159 -18.85 19.40 -20.85
C TRP B 159 -20.23 20.00 -20.51
N PRO B 160 -20.37 21.20 -19.91
CA PRO B 160 -21.73 21.73 -19.67
C PRO B 160 -22.60 21.88 -20.94
N LEU B 161 -22.00 22.14 -22.11
CA LEU B 161 -22.78 22.28 -23.35
C LEU B 161 -23.15 20.93 -23.96
N ILE B 162 -22.24 19.96 -23.90
CA ILE B 162 -22.50 18.59 -24.40
C ILE B 162 -23.58 17.86 -23.58
N ALA B 163 -23.68 18.14 -22.27
CA ALA B 163 -24.66 17.46 -21.42
C ALA B 163 -26.03 18.14 -21.41
N ALA B 164 -26.15 19.35 -21.97
CA ALA B 164 -27.37 20.13 -21.83
C ALA B 164 -28.60 19.41 -22.42
N ASP B 165 -28.44 18.77 -23.58
CA ASP B 165 -29.55 18.13 -24.28
C ASP B 165 -29.58 16.61 -24.14
N GLY B 166 -28.76 16.02 -23.26
CA GLY B 166 -28.83 14.58 -22.99
C GLY B 166 -27.59 13.70 -22.85
N GLY B 167 -26.37 14.23 -23.00
CA GLY B 167 -25.18 13.37 -22.87
C GLY B 167 -24.91 12.98 -21.42
N TYR B 168 -24.24 11.82 -21.23
CA TYR B 168 -23.91 11.31 -19.89
C TYR B 168 -22.70 10.36 -19.97
N ALA B 169 -22.15 10.04 -18.79
CA ALA B 169 -20.94 9.19 -18.70
C ALA B 169 -21.27 7.69 -18.56
N PHE B 170 -21.78 7.25 -17.39
CA PHE B 170 -22.29 5.90 -17.18
C PHE B 170 -23.70 5.94 -16.58
N LYS B 171 -24.58 5.03 -17.02
CA LYS B 171 -26.01 5.11 -16.69
C LYS B 171 -26.30 4.64 -15.26
N TYR B 172 -27.17 5.38 -14.57
CA TYR B 172 -27.46 5.11 -13.16
C TYR B 172 -28.86 4.53 -13.00
N ALA B 173 -28.98 3.43 -12.24
CA ALA B 173 -30.28 2.80 -12.02
C ALA B 173 -30.17 1.83 -10.85
N ALA B 174 -30.99 2.06 -9.81
CA ALA B 174 -31.14 1.15 -8.66
C ALA B 174 -29.94 1.20 -7.72
N GLY B 175 -29.43 2.41 -7.47
CA GLY B 175 -28.32 2.60 -6.56
C GLY B 175 -26.96 2.15 -7.05
N LYS B 176 -26.80 1.88 -8.34
CA LYS B 176 -25.52 1.43 -8.88
C LYS B 176 -25.32 1.99 -10.28
N TYR B 177 -24.07 1.96 -10.74
CA TYR B 177 -23.68 2.40 -12.08
C TYR B 177 -23.39 1.18 -12.96
N ASP B 178 -23.94 1.18 -14.17
CA ASP B 178 -23.70 0.10 -15.14
C ASP B 178 -22.59 0.52 -16.10
N ILE B 179 -21.47 -0.21 -16.08
CA ILE B 179 -20.26 0.23 -16.79
C ILE B 179 -20.20 -0.28 -18.23
N LYS B 180 -21.22 -0.95 -18.73
CA LYS B 180 -21.29 -1.32 -20.14
C LYS B 180 -22.24 -0.44 -20.94
N ASP B 181 -22.89 0.53 -20.30
CA ASP B 181 -23.82 1.47 -20.96
C ASP B 181 -23.22 2.88 -20.85
N VAL B 182 -22.62 3.34 -21.96
CA VAL B 182 -21.90 4.61 -22.04
C VAL B 182 -22.70 5.61 -22.89
N GLY B 183 -22.72 6.89 -22.49
CA GLY B 183 -23.54 7.87 -23.17
C GLY B 183 -22.89 8.99 -23.96
N VAL B 184 -21.68 8.77 -24.51
CA VAL B 184 -20.98 9.86 -25.21
C VAL B 184 -21.30 9.99 -26.69
N ASP B 185 -22.10 9.06 -27.28
CA ASP B 185 -22.42 9.08 -28.71
C ASP B 185 -23.93 9.06 -28.97
N ASN B 186 -24.75 9.59 -28.06
CA ASN B 186 -26.19 9.65 -28.33
C ASN B 186 -26.54 10.98 -29.02
N ALA B 187 -27.85 11.26 -29.18
CA ALA B 187 -28.30 12.34 -30.03
C ALA B 187 -28.02 13.71 -29.40
N GLY B 188 -28.18 13.81 -28.08
CA GLY B 188 -27.93 15.09 -27.42
C GLY B 188 -26.46 15.48 -27.39
N ALA B 189 -25.56 14.50 -27.24
CA ALA B 189 -24.14 14.81 -27.24
C ALA B 189 -23.68 15.30 -28.62
N LYS B 190 -24.21 14.71 -29.70
CA LYS B 190 -23.85 15.14 -31.07
C LYS B 190 -24.29 16.58 -31.34
N ALA B 191 -25.53 16.91 -30.97
CA ALA B 191 -26.02 18.27 -31.18
C ALA B 191 -25.14 19.32 -30.47
N GLY B 192 -24.65 19.02 -29.27
CA GLY B 192 -23.84 19.99 -28.53
C GLY B 192 -22.48 20.28 -29.18
N LEU B 193 -21.78 19.23 -29.62
CA LEU B 193 -20.41 19.43 -30.14
C LEU B 193 -20.41 19.99 -31.56
N THR B 194 -21.47 19.73 -32.34
CA THR B 194 -21.65 20.37 -33.64
C THR B 194 -21.72 21.91 -33.53
N PHE B 195 -22.44 22.44 -32.53
CA PHE B 195 -22.58 23.90 -32.39
C PHE B 195 -21.25 24.57 -32.01
N LEU B 196 -20.46 23.94 -31.13
CA LEU B 196 -19.13 24.48 -30.79
C LEU B 196 -18.19 24.50 -32.01
N VAL B 197 -18.23 23.45 -32.85
CA VAL B 197 -17.33 23.42 -34.01
C VAL B 197 -17.77 24.41 -35.09
N ASP B 198 -19.06 24.73 -35.17
CA ASP B 198 -19.53 25.76 -36.09
C ASP B 198 -19.03 27.16 -35.71
N LEU B 199 -18.97 27.47 -34.39
CA LEU B 199 -18.41 28.77 -33.97
C LEU B 199 -16.98 28.97 -34.47
N ILE B 200 -16.18 27.89 -34.45
CA ILE B 200 -14.79 27.97 -34.91
C ILE B 200 -14.76 28.13 -36.42
N LYS B 201 -15.66 27.47 -37.14
CA LYS B 201 -15.70 27.53 -38.59
C LYS B 201 -16.01 28.95 -39.10
N ASN B 202 -16.93 29.63 -38.44
CA ASN B 202 -17.35 30.99 -38.81
C ASN B 202 -16.49 32.10 -38.15
N LYS B 203 -15.34 31.75 -37.56
CA LYS B 203 -14.34 32.72 -37.05
C LYS B 203 -14.79 33.49 -35.81
N HIS B 204 -15.67 32.92 -34.98
CA HIS B 204 -16.01 33.56 -33.70
C HIS B 204 -15.14 33.08 -32.52
N MET B 205 -14.30 32.06 -32.74
N MET B 205 -14.37 31.99 -32.69
CA MET B 205 -13.47 31.46 -31.71
CA MET B 205 -13.44 31.51 -31.66
C MET B 205 -12.26 30.81 -32.37
C MET B 205 -12.24 30.89 -32.37
N ASN B 206 -11.17 30.67 -31.61
CA ASN B 206 -9.93 30.06 -32.10
C ASN B 206 -9.59 28.76 -31.38
N ALA B 207 -9.06 27.78 -32.14
CA ALA B 207 -8.85 26.43 -31.62
C ALA B 207 -7.65 26.28 -30.68
N ASP B 208 -6.68 27.20 -30.73
CA ASP B 208 -5.48 27.09 -29.90
C ASP B 208 -5.55 27.85 -28.56
N THR B 209 -6.71 28.42 -28.22
CA THR B 209 -6.84 29.15 -26.94
C THR B 209 -6.65 28.21 -25.75
N ASP B 210 -5.87 28.66 -24.75
CA ASP B 210 -5.66 27.89 -23.52
C ASP B 210 -5.97 28.70 -22.25
N TYR B 211 -5.61 28.18 -21.06
CA TYR B 211 -6.02 28.85 -19.81
C TYR B 211 -5.37 30.23 -19.66
N SER B 212 -4.08 30.36 -19.95
CA SER B 212 -3.39 31.64 -19.72
C SER B 212 -3.74 32.69 -20.76
N ILE B 213 -4.02 32.30 -22.01
CA ILE B 213 -4.39 33.27 -23.02
C ILE B 213 -5.74 33.93 -22.71
N ALA B 214 -6.73 33.13 -22.27
CA ALA B 214 -8.05 33.68 -21.97
C ALA B 214 -8.08 34.54 -20.71
N GLU B 215 -7.31 34.17 -19.68
CA GLU B 215 -7.31 34.97 -18.45
C GLU B 215 -6.75 36.37 -18.69
N ALA B 216 -5.71 36.48 -19.51
CA ALA B 216 -5.10 37.79 -19.80
C ALA B 216 -6.02 38.68 -20.62
N ALA B 217 -6.76 38.12 -21.58
CA ALA B 217 -7.63 38.94 -22.44
C ALA B 217 -8.79 39.55 -21.66
N PHE B 218 -9.40 38.79 -20.74
CA PHE B 218 -10.49 39.34 -19.93
C PHE B 218 -9.98 40.41 -18.95
N ASN B 219 -8.88 40.11 -18.24
CA ASN B 219 -8.35 41.01 -17.22
C ASN B 219 -7.76 42.30 -17.79
N LYS B 220 -7.59 42.40 -19.12
CA LYS B 220 -7.08 43.61 -19.76
C LYS B 220 -8.15 44.35 -20.57
N GLY B 221 -9.41 43.94 -20.50
CA GLY B 221 -10.48 44.65 -21.16
C GLY B 221 -10.72 44.34 -22.63
N GLU B 222 -10.19 43.23 -23.16
CA GLU B 222 -10.27 42.99 -24.59
C GLU B 222 -11.42 42.07 -25.01
N THR B 223 -12.01 41.30 -24.10
CA THR B 223 -13.15 40.45 -24.39
C THR B 223 -14.24 40.70 -23.35
N ALA B 224 -15.50 40.48 -23.73
CA ALA B 224 -16.61 40.84 -22.85
C ALA B 224 -17.07 39.75 -21.87
N MET B 225 -16.72 38.47 -22.06
CA MET B 225 -17.18 37.38 -21.20
C MET B 225 -16.16 36.23 -21.12
N THR B 226 -16.18 35.48 -20.02
CA THR B 226 -15.38 34.25 -19.87
C THR B 226 -16.14 33.24 -18.98
N ILE B 227 -15.55 32.05 -18.77
CA ILE B 227 -16.15 30.92 -18.04
C ILE B 227 -15.10 30.29 -17.12
N ASN B 228 -15.36 30.27 -15.79
CA ASN B 228 -14.32 29.87 -14.82
C ASN B 228 -14.93 29.61 -13.42
N GLY B 229 -14.07 29.19 -12.47
CA GLY B 229 -14.48 28.87 -11.10
C GLY B 229 -14.08 29.87 -10.02
N PRO B 230 -14.44 29.60 -8.75
CA PRO B 230 -14.20 30.60 -7.68
C PRO B 230 -12.72 30.94 -7.42
N TRP B 231 -11.79 30.02 -7.65
CA TRP B 231 -10.36 30.29 -7.45
C TRP B 231 -9.86 31.50 -8.26
N ALA B 232 -10.58 31.93 -9.30
CA ALA B 232 -10.07 32.96 -10.20
C ALA B 232 -10.48 34.39 -9.81
N TRP B 233 -11.39 34.56 -8.84
CA TRP B 233 -11.90 35.90 -8.52
C TRP B 233 -10.80 36.80 -7.93
N SER B 234 -9.80 36.19 -7.29
CA SER B 234 -8.72 36.94 -6.65
C SER B 234 -7.94 37.80 -7.63
N ASN B 235 -7.52 37.22 -8.77
CA ASN B 235 -6.74 37.97 -9.76
C ASN B 235 -7.57 39.06 -10.48
N ILE B 236 -8.90 38.94 -10.50
CA ILE B 236 -9.71 39.96 -11.15
C ILE B 236 -9.85 41.20 -10.25
N ASP B 237 -9.83 41.02 -8.93
CA ASP B 237 -9.90 42.15 -8.02
C ASP B 237 -8.71 43.09 -8.19
N THR B 238 -7.55 42.54 -8.54
CA THR B 238 -6.34 43.34 -8.65
C THR B 238 -6.34 44.24 -9.88
N SER B 239 -7.15 43.95 -10.89
CA SER B 239 -7.21 44.77 -12.10
C SER B 239 -8.35 45.78 -12.00
N ALA B 240 -8.54 46.55 -13.07
CA ALA B 240 -9.46 47.69 -13.08
C ALA B 240 -10.88 47.35 -13.53
N VAL B 241 -11.21 46.07 -13.74
CA VAL B 241 -12.47 45.69 -14.35
C VAL B 241 -13.60 45.69 -13.33
N ASN B 242 -14.77 46.19 -13.73
CA ASN B 242 -16.00 46.11 -12.95
CA ASN B 242 -16.00 46.11 -12.95
C ASN B 242 -16.81 44.92 -13.47
N TYR B 243 -16.83 43.82 -12.71
CA TYR B 243 -17.36 42.53 -13.16
C TYR B 243 -18.57 42.06 -12.35
N GLY B 244 -19.24 41.03 -12.90
CA GLY B 244 -20.32 40.34 -12.21
C GLY B 244 -20.31 38.84 -12.51
N VAL B 245 -21.04 38.08 -11.67
CA VAL B 245 -21.10 36.61 -11.72
C VAL B 245 -22.57 36.17 -11.78
N THR B 246 -22.90 35.25 -12.70
CA THR B 246 -24.31 34.96 -12.98
C THR B 246 -24.49 33.54 -13.56
N VAL B 247 -25.75 33.19 -13.90
CA VAL B 247 -26.16 31.85 -14.37
C VAL B 247 -25.78 31.63 -15.84
N LEU B 248 -25.45 30.38 -16.19
CA LEU B 248 -25.00 30.02 -17.54
C LEU B 248 -26.18 30.06 -18.56
N PRO B 249 -25.88 30.27 -19.84
CA PRO B 249 -26.95 30.36 -20.86
C PRO B 249 -27.57 29.00 -21.21
N THR B 250 -28.81 29.05 -21.72
CA THR B 250 -29.58 27.86 -22.12
C THR B 250 -29.29 27.47 -23.57
N PHE B 251 -29.62 26.21 -23.91
CA PHE B 251 -29.38 25.66 -25.26
C PHE B 251 -30.62 24.87 -25.71
N LYS B 252 -31.28 25.37 -26.76
CA LYS B 252 -32.60 24.87 -27.22
C LYS B 252 -33.62 24.81 -26.08
N GLY B 253 -33.57 25.78 -25.17
CA GLY B 253 -34.55 25.90 -24.12
C GLY B 253 -34.23 25.22 -22.80
N GLN B 254 -33.09 24.24 -22.74
CA GLN B 254 -32.63 23.48 -21.58
C GLN B 254 -31.42 24.14 -20.92
N PRO B 255 -31.32 24.12 -19.58
CA PRO B 255 -30.14 24.70 -18.92
C PRO B 255 -28.86 23.93 -19.23
N SER B 256 -27.71 24.63 -19.14
CA SER B 256 -26.43 23.94 -19.12
C SER B 256 -26.30 23.18 -17.80
N LYS B 257 -25.56 22.04 -17.84
CA LYS B 257 -25.48 21.11 -16.71
C LYS B 257 -24.03 20.72 -16.39
N PRO B 258 -23.34 21.48 -15.53
CA PRO B 258 -21.94 21.16 -15.22
C PRO B 258 -21.78 19.93 -14.31
N PHE B 259 -20.57 19.35 -14.34
CA PHE B 259 -20.16 18.26 -13.43
C PHE B 259 -19.55 18.86 -12.15
N VAL B 260 -20.06 18.48 -10.97
CA VAL B 260 -19.75 19.16 -9.70
C VAL B 260 -18.75 18.35 -8.88
N GLY B 261 -17.72 19.01 -8.34
CA GLY B 261 -16.66 18.35 -7.58
C GLY B 261 -16.53 18.79 -6.14
N VAL B 262 -16.12 17.86 -5.27
CA VAL B 262 -15.85 18.10 -3.84
C VAL B 262 -14.34 17.92 -3.59
N LEU B 263 -13.63 19.01 -3.32
CA LEU B 263 -12.20 18.94 -2.96
C LEU B 263 -12.00 18.21 -1.63
N SER B 264 -11.01 17.30 -1.56
CA SER B 264 -10.87 16.33 -0.47
C SER B 264 -9.39 16.03 -0.13
N ALA B 265 -9.14 15.42 1.05
CA ALA B 265 -7.77 15.05 1.50
C ALA B 265 -7.65 13.63 2.06
N GLY B 266 -6.68 12.85 1.57
CA GLY B 266 -6.48 11.46 1.99
C GLY B 266 -5.09 11.16 2.56
N ILE B 267 -4.93 9.97 3.17
CA ILE B 267 -3.74 9.60 3.94
C ILE B 267 -3.08 8.34 3.36
N ASN B 268 -1.75 8.40 3.16
CA ASN B 268 -0.96 7.35 2.48
C ASN B 268 -0.89 6.07 3.32
N ALA B 269 -1.27 4.93 2.71
CA ALA B 269 -1.31 3.66 3.45
C ALA B 269 0.06 3.24 4.01
N ALA B 270 1.16 3.73 3.42
CA ALA B 270 2.50 3.36 3.84
C ALA B 270 3.13 4.35 4.84
N SER B 271 2.35 5.33 5.37
CA SER B 271 2.96 6.37 6.22
C SER B 271 3.13 5.89 7.66
N PRO B 272 4.25 6.25 8.32
CA PRO B 272 4.39 5.99 9.75
C PRO B 272 3.90 7.11 10.66
N ASN B 273 3.16 8.10 10.14
CA ASN B 273 2.67 9.26 10.87
C ASN B 273 1.14 9.38 10.82
N LYS B 274 0.42 8.25 10.92
CA LYS B 274 -1.04 8.30 10.70
C LYS B 274 -1.77 9.05 11.83
N GLU B 275 -1.30 8.94 13.10
CA GLU B 275 -1.98 9.67 14.18
C GLU B 275 -1.73 11.18 14.13
N LEU B 276 -0.49 11.62 13.85
CA LEU B 276 -0.21 13.05 13.66
C LEU B 276 -1.05 13.66 12.55
N ALA B 277 -1.33 12.91 11.48
CA ALA B 277 -2.08 13.48 10.36
C ALA B 277 -3.55 13.73 10.73
N LYS B 278 -4.16 12.83 11.52
CA LYS B 278 -5.55 13.02 11.96
C LYS B 278 -5.71 14.25 12.86
N GLU B 279 -4.73 14.53 13.72
CA GLU B 279 -4.78 15.71 14.59
C GLU B 279 -4.77 17.01 13.79
N PHE B 280 -3.88 17.12 12.80
CA PHE B 280 -3.79 18.33 11.98
C PHE B 280 -5.09 18.63 11.25
N LEU B 281 -5.70 17.63 10.60
CA LEU B 281 -6.88 17.91 9.77
C LEU B 281 -8.13 18.18 10.63
N GLU B 282 -8.38 17.38 11.68
CA GLU B 282 -9.62 17.52 12.46
C GLU B 282 -9.59 18.75 13.38
N ASN B 283 -8.45 19.04 14.02
CA ASN B 283 -8.38 20.08 15.05
C ASN B 283 -7.78 21.40 14.60
N TYR B 284 -7.22 21.49 13.38
CA TYR B 284 -6.57 22.74 12.95
C TYR B 284 -7.08 23.28 11.61
N LEU B 285 -7.24 22.43 10.60
CA LEU B 285 -7.73 22.92 9.30
C LEU B 285 -9.25 23.08 9.27
N LEU B 286 -9.99 22.07 9.73
CA LEU B 286 -11.46 22.09 9.66
C LEU B 286 -12.06 22.79 10.90
N THR B 287 -11.67 24.05 11.09
CA THR B 287 -12.26 24.94 12.08
C THR B 287 -12.63 26.26 11.42
N ASP B 288 -13.31 27.13 12.18
CA ASP B 288 -13.69 28.43 11.65
C ASP B 288 -12.46 29.27 11.29
N GLU B 289 -11.44 29.27 12.16
CA GLU B 289 -10.23 30.06 11.93
C GLU B 289 -9.33 29.45 10.85
N GLY B 290 -9.36 28.13 10.67
CA GLY B 290 -8.51 27.49 9.68
C GLY B 290 -8.93 27.78 8.25
N LEU B 291 -10.21 27.55 7.94
CA LEU B 291 -10.72 27.79 6.59
C LEU B 291 -10.60 29.27 6.19
N GLU B 292 -10.72 30.19 7.14
CA GLU B 292 -10.62 31.61 6.81
C GLU B 292 -9.23 31.98 6.29
N ALA B 293 -8.18 31.33 6.81
CA ALA B 293 -6.84 31.68 6.35
C ALA B 293 -6.56 31.17 4.94
N VAL B 294 -7.15 30.04 4.54
CA VAL B 294 -7.01 29.60 3.15
C VAL B 294 -7.83 30.49 2.21
N ASN B 295 -9.07 30.82 2.61
CA ASN B 295 -9.99 31.55 1.75
C ASN B 295 -9.54 32.98 1.45
N LYS B 296 -8.62 33.54 2.23
CA LYS B 296 -8.07 34.87 1.94
C LYS B 296 -6.92 34.84 0.94
N ASP B 297 -6.36 33.66 0.67
CA ASP B 297 -5.40 33.50 -0.41
C ASP B 297 -6.12 33.38 -1.75
N LYS B 298 -6.90 32.31 -1.94
CA LYS B 298 -7.76 32.10 -3.12
C LYS B 298 -9.10 31.56 -2.60
N PRO B 299 -10.24 32.13 -3.01
CA PRO B 299 -11.53 31.66 -2.47
C PRO B 299 -11.81 30.19 -2.77
N LEU B 300 -12.47 29.53 -1.81
CA LEU B 300 -12.72 28.09 -1.86
C LEU B 300 -14.06 27.73 -2.50
N GLY B 301 -15.05 28.62 -2.45
CA GLY B 301 -16.41 28.25 -2.80
C GLY B 301 -17.29 28.09 -1.58
N ALA B 302 -18.21 27.12 -1.58
CA ALA B 302 -19.10 26.86 -0.46
C ALA B 302 -18.58 25.70 0.38
N VAL B 303 -18.23 25.98 1.64
CA VAL B 303 -17.50 25.01 2.45
C VAL B 303 -18.44 23.97 3.06
N ALA B 304 -17.85 22.84 3.48
CA ALA B 304 -18.60 21.73 4.05
C ALA B 304 -18.94 21.90 5.54
N LEU B 305 -18.32 22.86 6.23
CA LEU B 305 -18.50 23.05 7.68
C LEU B 305 -19.70 23.96 7.95
N LYS B 306 -20.71 23.41 8.65
CA LYS B 306 -22.00 24.09 8.81
C LYS B 306 -21.83 25.49 9.42
N SER B 307 -21.06 25.59 10.51
CA SER B 307 -20.96 26.84 11.25
C SER B 307 -20.41 27.99 10.41
N TYR B 308 -19.52 27.70 9.46
CA TYR B 308 -18.87 28.76 8.68
C TYR B 308 -19.58 29.03 7.36
N GLU B 309 -20.35 28.08 6.81
CA GLU B 309 -21.10 28.33 5.59
C GLU B 309 -22.35 29.21 5.82
N GLU B 310 -22.84 29.30 7.06
CA GLU B 310 -23.93 30.22 7.35
C GLU B 310 -23.53 31.67 7.05
N GLU B 311 -22.25 31.99 7.22
CA GLU B 311 -21.76 33.35 6.96
C GLU B 311 -21.50 33.60 5.47
N LEU B 312 -20.91 32.62 4.76
CA LEU B 312 -20.54 32.84 3.36
C LEU B 312 -21.76 32.95 2.45
N ALA B 313 -22.85 32.29 2.79
CA ALA B 313 -24.04 32.33 1.94
C ALA B 313 -24.71 33.71 1.89
N LYS B 314 -24.14 34.77 2.47
CA LYS B 314 -24.67 36.13 2.34
C LYS B 314 -24.04 36.90 1.18
N ASP B 315 -23.15 36.27 0.42
CA ASP B 315 -22.44 36.83 -0.73
C ASP B 315 -23.22 36.56 -2.00
N PRO B 316 -23.45 37.57 -2.85
CA PRO B 316 -24.18 37.31 -4.11
C PRO B 316 -23.45 36.38 -5.06
N ARG B 317 -22.11 36.42 -5.09
CA ARG B 317 -21.37 35.51 -5.96
C ARG B 317 -21.49 34.05 -5.50
N ILE B 318 -21.73 33.81 -4.21
CA ILE B 318 -21.88 32.45 -3.71
C ILE B 318 -23.27 31.89 -4.01
N ALA B 319 -24.31 32.73 -3.97
CA ALA B 319 -25.64 32.30 -4.37
C ALA B 319 -25.68 31.89 -5.84
N ALA B 320 -24.91 32.58 -6.69
CA ALA B 320 -24.83 32.21 -8.10
C ALA B 320 -24.16 30.85 -8.29
N THR B 321 -23.09 30.57 -7.52
CA THR B 321 -22.43 29.27 -7.60
C THR B 321 -23.38 28.13 -7.24
N MET B 322 -24.18 28.29 -6.19
CA MET B 322 -25.07 27.20 -5.78
C MET B 322 -26.26 27.04 -6.73
N GLU B 323 -26.66 28.10 -7.43
CA GLU B 323 -27.73 27.96 -8.42
C GLU B 323 -27.29 27.13 -9.62
N ASN B 324 -26.03 27.31 -10.07
CA ASN B 324 -25.53 26.50 -11.18
C ASN B 324 -25.26 25.06 -10.75
N ALA B 325 -24.85 24.84 -9.50
CA ALA B 325 -24.64 23.47 -9.02
C ALA B 325 -25.95 22.69 -8.92
N GLN B 326 -27.06 23.36 -8.57
CA GLN B 326 -28.33 22.64 -8.46
C GLN B 326 -28.87 22.21 -9.82
N LYS B 327 -28.47 22.85 -10.92
CA LYS B 327 -28.88 22.42 -12.25
C LYS B 327 -27.97 21.33 -12.86
N GLY B 328 -26.89 20.96 -12.19
CA GLY B 328 -25.97 19.93 -12.67
C GLY B 328 -26.01 18.61 -11.91
N GLU B 329 -24.88 17.90 -11.81
CA GLU B 329 -24.81 16.59 -11.16
C GLU B 329 -23.46 16.35 -10.49
N ILE B 330 -23.47 15.69 -9.33
CA ILE B 330 -22.23 15.27 -8.65
C ILE B 330 -21.57 14.13 -9.42
N MET B 331 -20.22 14.18 -9.54
CA MET B 331 -19.47 13.18 -10.31
C MET B 331 -19.48 11.82 -9.60
N PRO B 332 -19.39 10.71 -10.36
CA PRO B 332 -19.08 9.40 -9.75
C PRO B 332 -17.65 9.32 -9.26
N ASN B 333 -17.38 8.36 -8.33
CA ASN B 333 -16.05 8.09 -7.81
C ASN B 333 -15.46 6.73 -8.21
N ILE B 334 -16.11 5.96 -9.10
CA ILE B 334 -15.69 4.60 -9.45
C ILE B 334 -14.38 4.56 -10.24
N PRO B 335 -13.68 3.41 -10.28
CA PRO B 335 -12.33 3.38 -10.91
C PRO B 335 -12.31 3.67 -12.41
N GLN B 336 -13.45 3.55 -13.10
CA GLN B 336 -13.50 3.72 -14.54
C GLN B 336 -13.44 5.19 -15.00
N MET B 337 -13.46 6.16 -14.08
CA MET B 337 -13.56 7.58 -14.49
C MET B 337 -12.30 8.06 -15.20
N SER B 338 -11.15 7.46 -14.90
CA SER B 338 -9.89 7.80 -15.58
C SER B 338 -9.96 7.52 -17.09
N ALA B 339 -10.44 6.35 -17.49
CA ALA B 339 -10.51 6.02 -18.93
C ALA B 339 -11.52 6.90 -19.67
N PHE B 340 -12.58 7.34 -18.98
CA PHE B 340 -13.59 8.23 -19.57
C PHE B 340 -12.99 9.58 -19.94
N TRP B 341 -12.21 10.19 -19.03
CA TRP B 341 -11.70 11.55 -19.31
C TRP B 341 -10.66 11.55 -20.45
N TYR B 342 -9.80 10.52 -20.54
CA TYR B 342 -8.83 10.46 -21.64
C TYR B 342 -9.49 10.32 -23.01
N ALA B 343 -10.60 9.56 -23.11
CA ALA B 343 -11.22 9.34 -24.41
C ALA B 343 -11.95 10.59 -24.91
N VAL B 344 -12.58 11.36 -24.01
CA VAL B 344 -13.29 12.60 -24.40
C VAL B 344 -12.32 13.75 -24.70
N ARG B 345 -11.17 13.81 -24.01
CA ARG B 345 -10.13 14.79 -24.35
C ARG B 345 -9.65 14.64 -25.81
N THR B 346 -9.39 13.40 -26.26
CA THR B 346 -8.88 13.17 -27.62
C THR B 346 -9.92 13.55 -28.68
N ALA B 347 -11.19 13.22 -28.47
CA ALA B 347 -12.24 13.53 -29.44
C ALA B 347 -12.41 15.03 -29.66
N VAL B 348 -12.40 15.84 -28.58
CA VAL B 348 -12.61 17.28 -28.70
C VAL B 348 -11.46 17.94 -29.46
N ILE B 349 -10.22 17.53 -29.17
CA ILE B 349 -9.05 18.13 -29.83
C ILE B 349 -8.98 17.77 -31.33
N ASN B 350 -9.32 16.53 -31.71
CA ASN B 350 -9.23 16.15 -33.14
C ASN B 350 -10.32 16.85 -33.98
N ALA B 351 -11.54 17.02 -33.43
CA ALA B 351 -12.63 17.66 -34.20
C ALA B 351 -12.50 19.18 -34.28
N ALA B 352 -12.05 19.83 -33.18
CA ALA B 352 -11.92 21.29 -33.17
C ALA B 352 -10.89 21.78 -34.18
N SER B 353 -9.81 21.01 -34.38
CA SER B 353 -8.77 21.37 -35.33
C SER B 353 -9.07 20.93 -36.76
N GLY B 354 -10.18 20.23 -37.01
CA GLY B 354 -10.53 19.83 -38.36
C GLY B 354 -9.83 18.61 -38.91
N ARG B 355 -9.31 17.74 -38.06
CA ARG B 355 -8.65 16.53 -38.51
C ARG B 355 -9.58 15.31 -38.60
N GLN B 356 -10.76 15.35 -37.97
CA GLN B 356 -11.81 14.33 -38.06
C GLN B 356 -13.17 15.03 -38.10
N THR B 357 -14.21 14.32 -38.60
CA THR B 357 -15.59 14.81 -38.47
C THR B 357 -16.14 14.53 -37.07
N VAL B 358 -17.20 15.26 -36.68
CA VAL B 358 -17.78 15.09 -35.34
C VAL B 358 -18.39 13.69 -35.16
N ASP B 359 -19.06 13.16 -36.19
CA ASP B 359 -19.71 11.85 -36.05
C ASP B 359 -18.67 10.72 -35.92
N ALA B 360 -17.57 10.79 -36.65
CA ALA B 360 -16.54 9.77 -36.54
C ALA B 360 -15.78 9.86 -35.21
N ALA B 361 -15.58 11.07 -34.68
CA ALA B 361 -14.78 11.24 -33.45
C ALA B 361 -15.50 10.66 -32.23
N LEU B 362 -16.82 10.85 -32.12
CA LEU B 362 -17.54 10.36 -30.93
C LEU B 362 -17.87 8.87 -31.02
N ALA B 363 -17.97 8.28 -32.22
CA ALA B 363 -18.20 6.84 -32.30
C ALA B 363 -16.99 6.05 -31.83
N ALA B 364 -15.78 6.55 -32.09
CA ALA B 364 -14.57 5.91 -31.59
C ALA B 364 -14.35 6.14 -30.09
N ALA B 365 -14.82 7.27 -29.57
CA ALA B 365 -14.74 7.52 -28.13
C ALA B 365 -15.60 6.56 -27.31
N GLN B 366 -16.75 6.11 -27.85
CA GLN B 366 -17.56 5.14 -27.11
C GLN B 366 -16.78 3.86 -26.83
N THR B 367 -15.94 3.42 -27.79
CA THR B 367 -15.12 2.22 -27.60
C THR B 367 -13.92 2.46 -26.65
N ASN B 368 -13.16 3.56 -26.85
CA ASN B 368 -11.96 3.79 -26.02
C ASN B 368 -12.32 4.02 -24.54
N ALA B 369 -13.49 4.57 -24.23
CA ALA B 369 -13.87 4.80 -22.84
C ALA B 369 -14.07 3.52 -22.04
N ALA B 370 -14.18 2.35 -22.69
CA ALA B 370 -14.32 1.06 -22.00
C ALA B 370 -13.04 0.24 -21.97
N ARG B 371 -11.89 0.80 -22.36
CA ARG B 371 -10.62 0.09 -22.32
C ARG B 371 -9.69 0.75 -21.28
N ALA B 372 -9.38 0.02 -20.21
CA ALA B 372 -8.56 0.59 -19.14
C ALA B 372 -7.14 0.96 -19.61
N ALA B 373 -6.59 0.26 -20.60
CA ALA B 373 -5.19 0.42 -20.99
C ALA B 373 -4.99 1.28 -22.25
N ALA B 374 -5.99 2.04 -22.71
CA ALA B 374 -5.85 2.81 -23.94
C ALA B 374 -4.82 3.95 -23.80
N GLU B 375 -4.76 4.60 -22.63
CA GLU B 375 -3.80 5.68 -22.43
C GLU B 375 -2.35 5.17 -22.41
N SER B 376 -2.12 3.98 -21.82
CA SER B 376 -0.78 3.38 -21.83
C SER B 376 -0.31 3.04 -23.25
N PHE B 377 -1.21 2.56 -24.12
CA PHE B 377 -0.84 2.28 -25.51
C PHE B 377 -0.41 3.56 -26.24
N LYS B 378 -1.13 4.67 -26.02
CA LYS B 378 -0.77 5.96 -26.66
C LYS B 378 0.66 6.37 -26.31
N GLU B 379 1.09 6.13 -25.06
CA GLU B 379 2.42 6.58 -24.65
C GLU B 379 3.53 5.72 -25.23
N HIS B 380 3.29 4.41 -25.46
CA HIS B 380 4.29 3.57 -26.11
C HIS B 380 4.38 3.84 -27.62
N LEU B 381 3.29 4.24 -28.27
CA LEU B 381 3.38 4.69 -29.66
C LEU B 381 4.22 5.97 -29.81
N GLN B 382 4.06 6.95 -28.90
CA GLN B 382 4.87 8.17 -28.95
C GLN B 382 6.37 7.86 -28.82
N GLU B 383 6.75 6.92 -27.95
CA GLU B 383 8.16 6.55 -27.80
C GLU B 383 8.76 5.92 -29.07
N ALA B 384 7.98 5.11 -29.79
CA ALA B 384 8.52 4.48 -30.99
C ALA B 384 8.77 5.51 -32.10
N PHE B 385 7.87 6.49 -32.27
CA PHE B 385 8.07 7.52 -33.28
C PHE B 385 9.32 8.37 -32.99
N GLU B 386 9.60 8.65 -31.69
CA GLU B 386 10.79 9.41 -31.30
C GLU B 386 12.09 8.65 -31.61
N ASP B 387 12.08 7.31 -31.47
CA ASP B 387 13.28 6.50 -31.70
C ASP B 387 13.61 6.32 -33.19
N LEU B 388 12.66 6.59 -34.10
CA LEU B 388 12.90 6.49 -35.55
C LEU B 388 13.79 7.61 -36.08
N GLY B 389 13.66 8.83 -35.56
CA GLY B 389 14.33 9.97 -36.15
C GLY B 389 13.56 10.57 -37.32
N ALA B 390 13.92 11.82 -37.66
CA ALA B 390 13.07 12.64 -38.53
C ALA B 390 13.07 12.15 -39.99
N ASP B 391 14.21 11.67 -40.49
CA ASP B 391 14.27 11.23 -41.90
C ASP B 391 13.41 9.99 -42.15
N ASN B 392 13.42 9.01 -41.24
CA ASN B 392 12.59 7.81 -41.40
C ASN B 392 11.11 8.09 -41.12
N LEU B 393 10.80 9.03 -40.23
CA LEU B 393 9.40 9.36 -39.95
C LEU B 393 8.72 10.02 -41.16
N ARG B 394 9.48 10.73 -42.02
CA ARG B 394 8.90 11.26 -43.26
C ARG B 394 8.45 10.14 -44.21
N LYS B 395 9.17 9.02 -44.25
CA LYS B 395 8.70 7.89 -45.06
C LYS B 395 7.43 7.27 -44.50
N PHE B 396 7.33 7.14 -43.16
CA PHE B 396 6.14 6.59 -42.51
C PHE B 396 4.88 7.40 -42.85
N LYS B 397 4.96 8.74 -42.80
CA LYS B 397 3.80 9.60 -43.08
C LYS B 397 3.40 9.56 -44.55
N SER B 398 4.37 9.32 -45.44
CA SER B 398 4.07 9.24 -46.88
C SER B 398 3.15 8.06 -47.20
N LYS B 399 3.47 6.87 -46.66
CA LYS B 399 2.65 5.67 -46.88
C LYS B 399 1.26 5.75 -46.20
N LEU B 400 1.15 6.44 -45.06
CA LEU B 400 -0.15 6.54 -44.38
C LEU B 400 -1.15 7.34 -45.22
N GLY B 401 -0.69 8.37 -45.92
CA GLY B 401 -1.58 9.16 -46.75
C GLY B 401 -2.04 8.47 -48.04
N ASP B 402 -1.31 7.44 -48.49
CA ASP B 402 -1.62 6.69 -49.71
C ASP B 402 -2.55 5.49 -49.50
N ARG B 403 -2.63 4.96 -48.28
CA ARG B 403 -3.34 3.72 -47.98
C ARG B 403 -4.79 3.74 -48.47
N ARG B 404 -5.22 2.67 -49.14
CA ARG B 404 -6.59 2.65 -49.66
C ARG B 404 -7.59 1.84 -48.83
N GLN B 405 -7.16 0.94 -47.93
CA GLN B 405 -8.10 0.33 -46.98
C GLN B 405 -8.82 1.39 -46.14
N GLU B 406 -10.01 1.04 -45.65
CA GLU B 406 -10.76 1.91 -44.72
C GLU B 406 -10.41 1.64 -43.23
N PRO B 407 -10.44 2.69 -42.38
CA PRO B 407 -10.70 4.11 -42.71
C PRO B 407 -9.48 4.88 -43.27
N ARG B 408 -9.71 5.74 -44.27
CA ARG B 408 -8.67 6.51 -44.95
C ARG B 408 -8.39 7.82 -44.20
N VAL B 409 -7.14 8.32 -44.30
CA VAL B 409 -6.68 9.57 -43.68
C VAL B 409 -6.27 10.56 -44.77
N THR B 410 -6.77 11.81 -44.69
CA THR B 410 -6.48 12.76 -45.76
C THR B 410 -5.10 13.40 -45.61
N LYS B 411 -4.52 13.79 -46.75
CA LYS B 411 -3.16 14.35 -46.73
C LYS B 411 -3.11 15.77 -46.16
N SER B 412 -4.22 16.53 -46.20
CA SER B 412 -4.26 17.81 -45.51
C SER B 412 -4.29 17.65 -43.99
N ALA B 413 -4.94 16.59 -43.48
CA ALA B 413 -4.94 16.38 -42.04
C ALA B 413 -3.54 16.02 -41.54
N ILE B 414 -2.76 15.28 -42.33
CA ILE B 414 -1.39 14.93 -41.93
C ILE B 414 -0.47 16.18 -41.93
N GLU B 415 -0.70 17.10 -42.85
CA GLU B 415 0.10 18.33 -42.93
C GLU B 415 -0.10 19.28 -41.76
N LYS B 416 -1.22 19.15 -41.02
CA LYS B 416 -1.51 20.02 -39.89
C LYS B 416 -0.82 19.60 -38.60
N LEU B 417 -0.21 18.42 -38.55
CA LEU B 417 0.43 17.94 -37.32
C LEU B 417 1.73 18.70 -37.03
N LYS B 418 2.06 18.83 -35.74
CA LYS B 418 3.25 19.56 -35.31
C LYS B 418 4.36 18.71 -34.68
N ASP B 419 4.07 17.52 -34.17
CA ASP B 419 5.08 16.71 -33.46
C ASP B 419 4.54 15.30 -33.22
N GLU B 420 5.33 14.50 -32.49
CA GLU B 420 5.08 13.07 -32.23
C GLU B 420 3.90 12.84 -31.28
N ILE B 421 3.56 13.81 -30.42
CA ILE B 421 2.38 13.71 -29.57
C ILE B 421 1.08 13.84 -30.38
N ASP B 422 1.05 14.79 -31.32
CA ASP B 422 -0.12 14.94 -32.21
C ASP B 422 -0.33 13.67 -33.07
N LEU B 423 0.75 13.03 -33.52
CA LEU B 423 0.60 11.85 -34.40
C LEU B 423 0.04 10.65 -33.62
N ALA B 424 0.47 10.46 -32.36
CA ALA B 424 -0.06 9.34 -31.58
C ALA B 424 -1.53 9.54 -31.22
N ASP B 425 -1.94 10.79 -30.94
CA ASP B 425 -3.37 11.08 -30.71
C ASP B 425 -4.23 10.91 -31.97
N LEU B 426 -3.67 11.12 -33.18
CA LEU B 426 -4.47 10.91 -34.40
C LEU B 426 -4.70 9.41 -34.67
N MET B 427 -3.70 8.55 -34.46
CA MET B 427 -3.88 7.10 -34.66
C MET B 427 -4.95 6.52 -33.71
N VAL B 428 -4.83 6.78 -32.39
CA VAL B 428 -5.76 6.17 -31.42
C VAL B 428 -7.18 6.71 -31.59
N GLY B 429 -7.33 7.99 -31.95
CA GLY B 429 -8.64 8.57 -32.21
C GLY B 429 -9.34 8.08 -33.47
N VAL B 430 -8.59 7.65 -34.50
CA VAL B 430 -9.17 7.25 -35.79
C VAL B 430 -9.44 5.73 -35.88
N PHE B 431 -8.52 4.89 -35.36
CA PHE B 431 -8.62 3.42 -35.44
C PHE B 431 -9.16 2.71 -34.18
N THR B 432 -9.15 3.36 -33.01
CA THR B 432 -9.27 2.80 -31.63
C THR B 432 -7.97 2.08 -31.25
N SER B 433 -7.77 1.75 -29.96
CA SER B 433 -6.41 1.55 -29.44
C SER B 433 -5.72 0.29 -29.97
N LYS B 434 -6.40 -0.86 -29.98
CA LYS B 434 -5.71 -2.09 -30.40
C LYS B 434 -5.47 -2.14 -31.92
N ASP B 435 -6.47 -1.74 -32.72
CA ASP B 435 -6.27 -1.63 -34.18
C ASP B 435 -5.18 -0.62 -34.55
N ALA B 436 -4.98 0.43 -33.75
CA ALA B 436 -3.91 1.40 -34.05
C ALA B 436 -2.52 0.77 -33.96
N VAL B 437 -2.31 -0.20 -33.06
CA VAL B 437 -1.00 -0.87 -32.99
C VAL B 437 -0.78 -1.83 -34.16
N SER B 438 -1.84 -2.54 -34.62
CA SER B 438 -1.64 -3.48 -35.74
C SER B 438 -1.27 -2.77 -37.04
N VAL B 439 -1.89 -1.62 -37.34
CA VAL B 439 -1.62 -0.88 -38.58
C VAL B 439 -0.20 -0.27 -38.54
N THR B 440 0.22 0.28 -37.40
CA THR B 440 1.56 0.84 -37.27
C THR B 440 2.65 -0.22 -37.52
N VAL B 441 2.46 -1.44 -36.98
CA VAL B 441 3.45 -2.51 -37.18
C VAL B 441 3.60 -2.88 -38.66
N GLU B 442 2.51 -2.86 -39.44
CA GLU B 442 2.62 -3.29 -40.82
C GLU B 442 3.23 -2.24 -41.74
N ILE B 443 3.14 -0.95 -41.38
CA ILE B 443 3.87 0.08 -42.13
C ILE B 443 5.36 0.02 -41.81
N LEU B 444 5.72 -0.28 -40.56
CA LEU B 444 7.14 -0.31 -40.19
C LEU B 444 7.90 -1.45 -40.88
N ARG B 445 7.20 -2.55 -41.23
CA ARG B 445 7.86 -3.64 -41.94
C ARG B 445 8.08 -3.33 -43.42
N ALA B 446 7.17 -2.57 -44.02
CA ALA B 446 7.34 -2.17 -45.41
C ALA B 446 8.51 -1.19 -45.60
N ILE B 447 8.87 -0.39 -44.59
CA ILE B 447 10.04 0.49 -44.70
C ILE B 447 11.28 -0.10 -44.01
N LYS B 448 11.18 -1.32 -43.48
CA LYS B 448 12.33 -2.10 -42.98
C LYS B 448 12.94 -1.52 -41.69
N CYS B 449 12.10 -1.29 -40.69
CA CYS B 449 12.54 -0.91 -39.35
C CYS B 449 12.08 -1.99 -38.35
N ASN B 450 12.64 -3.20 -38.49
CA ASN B 450 12.10 -4.37 -37.81
C ASN B 450 12.40 -4.35 -36.31
N ALA B 451 13.57 -3.85 -35.90
CA ALA B 451 13.90 -3.84 -34.48
C ALA B 451 12.93 -2.96 -33.68
N VAL B 452 12.49 -1.84 -34.27
CA VAL B 452 11.52 -0.98 -33.60
C VAL B 452 10.17 -1.68 -33.49
N ALA B 453 9.78 -2.43 -34.52
CA ALA B 453 8.47 -3.07 -34.51
C ALA B 453 8.37 -4.15 -33.44
N ASP B 454 9.46 -4.89 -33.19
CA ASP B 454 9.43 -5.96 -32.21
C ASP B 454 9.34 -5.43 -30.78
N ASP B 455 9.93 -4.26 -30.51
CA ASP B 455 9.88 -3.70 -29.16
C ASP B 455 8.50 -3.15 -28.82
N LEU B 456 7.83 -2.50 -29.79
CA LEU B 456 6.47 -2.00 -29.59
C LEU B 456 5.49 -3.15 -29.30
N LEU B 457 5.63 -4.27 -30.00
CA LEU B 457 4.76 -5.43 -29.77
C LEU B 457 4.95 -5.98 -28.36
N ARG B 458 6.18 -6.04 -27.88
CA ARG B 458 6.47 -6.65 -26.57
C ARG B 458 5.79 -5.90 -25.43
N ASN B 459 5.60 -4.59 -25.56
CA ASN B 459 5.08 -3.78 -24.45
C ASN B 459 3.57 -3.55 -24.53
N THR B 460 2.90 -4.03 -25.58
CA THR B 460 1.46 -3.78 -25.74
C THR B 460 0.67 -5.07 -25.99
N LEU B 461 0.59 -5.54 -27.24
CA LEU B 461 -0.28 -6.67 -27.55
C LEU B 461 0.27 -8.00 -27.03
N GLU B 462 1.58 -8.16 -26.94
CA GLU B 462 2.15 -9.41 -26.44
C GLU B 462 2.85 -9.23 -25.10
N HIS B 463 2.15 -8.68 -24.12
CA HIS B 463 2.73 -8.49 -22.80
C HIS B 463 2.20 -9.53 -21.82
C1 GLC C . 5.94 -20.95 18.92
C2 GLC C . 6.12 -19.71 19.80
C3 GLC C . 6.60 -18.48 19.04
C4 GLC C . 7.81 -18.82 18.17
C5 GLC C . 7.50 -20.05 17.28
C6 GLC C . 8.72 -20.51 16.48
O1 GLC C . 4.74 -20.87 18.18
O2 GLC C . 4.88 -19.39 20.43
O3 GLC C . 6.94 -17.48 19.99
O4 GLC C . 8.22 -17.67 17.43
O5 GLC C . 7.04 -21.18 18.04
O6 GLC C . 8.37 -21.51 15.52
C1 GLC C . 9.36 -16.89 17.83
C2 GLC C . 9.07 -15.39 17.69
C3 GLC C . 8.79 -15.01 16.23
C4 GLC C . 10.05 -15.42 15.43
C5 GLC C . 10.45 -16.89 15.67
C6 GLC C . 11.73 -17.24 14.91
O2 GLC C . 7.98 -14.96 18.48
O3 GLC C . 8.48 -13.62 16.10
O4 GLC C . 9.88 -15.12 14.04
O5 GLC C . 10.54 -17.20 17.09
O6 GLC C . 12.03 -18.65 14.87
C1 GLC D . -9.70 22.53 -11.57
C2 GLC D . -10.69 21.64 -10.80
C3 GLC D . -10.54 20.18 -11.18
C4 GLC D . -10.58 20.00 -12.69
C5 GLC D . -9.53 20.90 -13.36
C6 GLC D . -9.61 20.83 -14.88
O1 GLC D . -8.40 22.35 -11.04
O2 GLC D . -10.50 21.79 -9.40
O3 GLC D . -11.62 19.49 -10.57
O4 GLC D . -10.40 18.63 -13.04
O5 GLC D . -9.70 22.27 -12.98
O6 GLC D . -8.48 21.48 -15.45
C1 GLC D . -11.48 17.83 -13.48
C2 GLC D . -11.39 16.42 -12.84
C3 GLC D . -10.10 15.76 -13.33
C4 GLC D . -10.15 15.67 -14.87
C5 GLC D . -10.38 17.05 -15.51
C6 GLC D . -10.54 16.94 -17.03
O2 GLC D . -11.47 16.48 -11.41
O3 GLC D . -9.92 14.49 -12.71
O4 GLC D . -8.97 15.08 -15.37
O5 GLC D . -11.51 17.70 -14.91
O6 GLC D . -10.52 18.19 -17.75
S SO4 E . 35.58 -24.18 -8.09
O1 SO4 E . 36.73 -24.53 -8.93
O2 SO4 E . 34.89 -23.03 -8.67
O3 SO4 E . 36.08 -23.83 -6.76
O4 SO4 E . 34.68 -25.32 -8.00
S SO4 F . 17.29 0.18 5.52
O1 SO4 F . 16.21 1.06 5.08
O2 SO4 F . 18.54 0.64 4.91
O3 SO4 F . 16.99 -1.17 5.07
O4 SO4 F . 17.42 0.22 6.99
C ACT G . -9.46 -30.34 13.47
O ACT G . -9.34 -29.14 13.12
OXT ACT G . -9.47 -30.55 14.71
CH3 ACT G . -9.57 -31.46 12.48
C ACT H . -4.55 -20.65 4.33
O ACT H . -5.62 -20.09 4.65
OXT ACT H . -3.58 -20.47 5.08
CH3 ACT H . -4.42 -21.50 3.09
C ACT I . 45.43 -18.56 -7.91
O ACT I . 44.90 -17.87 -8.81
OXT ACT I . 45.53 -19.79 -8.13
CH3 ACT I . 45.93 -17.94 -6.63
C ACT J . 43.79 -17.33 -6.48
O ACT J . 42.77 -17.77 -7.06
OXT ACT J . 43.96 -16.09 -6.52
CH3 ACT J . 44.75 -18.25 -5.77
S SO4 K . -6.60 12.49 -50.19
O1 SO4 K . -6.66 12.27 -51.65
O2 SO4 K . -6.04 13.82 -49.91
O3 SO4 K . -5.76 11.46 -49.58
O4 SO4 K . -7.95 12.42 -49.65
S SO4 L . -22.47 33.37 -39.32
O1 SO4 L . -21.22 33.65 -40.02
O2 SO4 L . -23.35 32.63 -40.22
O3 SO4 L . -22.24 32.58 -38.12
O4 SO4 L . -23.09 34.65 -38.94
S SO4 M . -13.03 5.59 -55.18
O1 SO4 M . -11.91 5.56 -56.13
O2 SO4 M . -14.29 5.58 -55.90
O3 SO4 M . -12.96 4.41 -54.31
O4 SO4 M . -12.93 6.80 -54.37
C ACT N . -8.11 -3.09 -21.59
O ACT N . -9.19 -3.70 -21.37
OXT ACT N . -7.52 -2.68 -20.57
CH3 ACT N . -7.56 -2.85 -22.97
C ACT O . 4.87 32.57 -5.08
O ACT O . 4.15 33.59 -5.22
OXT ACT O . 4.27 31.48 -5.00
CH3 ACT O . 6.37 32.66 -5.01
#